data_5GIR
#
_entry.id   5GIR
#
_cell.length_a   69.110
_cell.length_b   93.650
_cell.length_c   70.560
_cell.angle_alpha   90.00
_cell.angle_beta   107.51
_cell.angle_gamma   90.00
#
_symmetry.space_group_name_H-M   'P 1 21 1'
#
loop_
_entity.id
_entity.type
_entity.pdbx_description
1 polymer 'Heavy chain of Fab fragment'
2 polymer 'Light chain of Fab fragment'
3 polymer LYS-PRO-ILE-ILE-ILE-GLY-SER-HIS-ALA-TYR-GLY-ASP
4 non-polymer 'SULFATE ION'
5 non-polymer 1,2-ETHANEDIOL
6 water water
#
loop_
_entity_poly.entity_id
_entity_poly.type
_entity_poly.pdbx_seq_one_letter_code
_entity_poly.pdbx_strand_id
1 'polypeptide(L)'
;MGWSSIILFLVTTATGVHS(PCA)VQLQQPGAELVRPGASVKLSCKASGYTFTSYWMNWVKQRPGQGLECIGMIHPSDGE
TRLNQKFKDKATLTLDKSSSTAYMQLSSPTSEDSAVYYCTTHFDYWGQGTTLTVSSAKTTAPSVYPLAPVCGDTTGSSVT
LGCLVKGYFPEPVTLTWNSGSLSSGVHTFPAVLQSDLYTLSSSVTVTSSTWPSQSITCNVAHPASSTKVDKKIEPRGSPT
HKPC
;
H,A
2 'polypeptide(L)'
;MVFTPQILGLMLFWISASRGDIVLIQSPATLSVTPGDSVSLSCRASQRISNNLHWYQQKSHESPRLLIRYTSQSISGIPS
RFSGSGSGTDFTLSINSVETEDFGMYFCQQSNSWPFTFGSGTKLEMKRADAAPTVSIFPPSSEQLTSGGASVVCFLNNFY
PKDINVKWKIDGSERQNGVLNSWTDQDSKDSTYSMSSTLTLTKDEYERHNSYTCEATHKTSTSPIVKSFNRNEC
;
L,B
3 'polypeptide(L)' KPIIIGSHAYGD C,D
#
# COMPACT_ATOMS: atom_id res chain seq x y z
N VAL A 21 -8.70 -5.84 -20.49
CA VAL A 21 -8.64 -6.86 -19.45
C VAL A 21 -9.97 -7.58 -19.36
N GLN A 22 -9.92 -8.92 -19.29
CA GLN A 22 -11.08 -9.77 -18.99
C GLN A 22 -10.78 -10.73 -17.88
N LEU A 23 -11.76 -10.91 -16.96
CA LEU A 23 -11.70 -11.95 -15.94
C LEU A 23 -12.93 -12.82 -16.13
N GLN A 24 -12.72 -14.11 -16.41
CA GLN A 24 -13.79 -14.97 -16.89
C GLN A 24 -14.06 -16.07 -15.88
N GLN A 25 -15.31 -16.15 -15.42
CA GLN A 25 -15.70 -17.12 -14.43
C GLN A 25 -16.92 -17.84 -14.97
N PRO A 26 -17.06 -19.13 -14.73
CA PRO A 26 -18.33 -19.77 -15.13
C PRO A 26 -19.48 -19.18 -14.32
N GLY A 27 -20.63 -18.98 -14.99
CA GLY A 27 -21.78 -18.41 -14.32
C GLY A 27 -22.23 -19.17 -13.08
N ALA A 28 -22.23 -20.50 -13.14
CA ALA A 28 -22.90 -21.26 -12.10
C ALA A 28 -22.13 -22.53 -11.80
N GLU A 29 -22.13 -22.91 -10.53
CA GLU A 29 -21.57 -24.17 -10.07
C GLU A 29 -22.52 -24.76 -9.05
N LEU A 30 -22.68 -26.08 -9.12
CA LEU A 30 -23.48 -26.86 -8.20
C LEU A 30 -22.59 -27.88 -7.51
N VAL A 31 -22.59 -27.87 -6.19
CA VAL A 31 -21.79 -28.81 -5.41
C VAL A 31 -22.72 -29.49 -4.39
N ARG A 32 -22.48 -30.78 -4.12
CA ARG A 32 -23.18 -31.42 -3.01
C ARG A 32 -22.50 -31.06 -1.69
N PRO A 33 -23.25 -31.00 -0.60
CA PRO A 33 -22.62 -30.73 0.69
C PRO A 33 -21.47 -31.71 0.92
N GLY A 34 -20.35 -31.19 1.42
CA GLY A 34 -19.19 -32.00 1.75
C GLY A 34 -18.20 -32.16 0.61
N ALA A 35 -18.66 -32.12 -0.63
CA ALA A 35 -17.77 -32.25 -1.77
C ALA A 35 -17.04 -30.94 -2.01
N SER A 36 -15.75 -31.00 -2.17
CA SER A 36 -14.99 -29.80 -2.45
C SER A 36 -15.36 -29.23 -3.83
N VAL A 37 -15.35 -27.90 -3.95
CA VAL A 37 -15.53 -27.28 -5.25
C VAL A 37 -14.35 -26.33 -5.45
N LYS A 38 -13.93 -26.18 -6.71
CA LYS A 38 -12.79 -25.34 -7.06
C LYS A 38 -13.32 -24.41 -8.14
N LEU A 39 -13.39 -23.10 -7.80
CA LEU A 39 -13.87 -22.09 -8.73
C LEU A 39 -12.70 -21.54 -9.54
N SER A 40 -12.95 -21.22 -10.81
CA SER A 40 -11.86 -20.76 -11.67
C SER A 40 -12.06 -19.30 -12.09
N CYS A 41 -10.96 -18.58 -12.28
CA CYS A 41 -10.98 -17.22 -12.80
C CYS A 41 -9.86 -17.10 -13.82
N LYS A 42 -10.19 -17.03 -15.10
CA LYS A 42 -9.19 -16.98 -16.16
C LYS A 42 -8.99 -15.53 -16.59
N ALA A 43 -7.75 -15.09 -16.52
CA ALA A 43 -7.35 -13.71 -16.74
C ALA A 43 -6.80 -13.56 -18.16
N SER A 44 -7.28 -12.57 -18.90
CA SER A 44 -6.65 -12.25 -20.17
C SER A 44 -6.45 -10.75 -20.26
N GLY A 45 -5.59 -10.36 -21.21
CA GLY A 45 -5.45 -8.97 -21.57
C GLY A 45 -4.41 -8.21 -20.79
N TYR A 46 -3.66 -8.85 -19.90
CA TYR A 46 -2.64 -8.14 -19.13
C TYR A 46 -1.66 -9.17 -18.60
N THR A 47 -0.61 -8.67 -17.93
CA THR A 47 0.42 -9.55 -17.38
C THR A 47 -0.05 -10.10 -16.04
N PHE A 48 -0.29 -11.43 -16.03
CA PHE A 48 -0.98 -12.07 -14.92
C PHE A 48 -0.19 -11.94 -13.62
N THR A 49 1.14 -11.95 -13.70
CA THR A 49 2.04 -11.79 -12.56
C THR A 49 2.24 -10.34 -12.11
N SER A 50 1.57 -9.37 -12.72
CA SER A 50 1.78 -7.97 -12.38
C SER A 50 0.80 -7.40 -11.35
N TYR A 51 -0.28 -8.11 -11.01
CA TYR A 51 -1.33 -7.60 -10.11
C TYR A 51 -1.86 -8.68 -9.19
N TRP A 52 -2.37 -8.25 -8.05
CA TRP A 52 -3.01 -9.14 -7.11
C TRP A 52 -4.29 -9.68 -7.70
N MET A 53 -4.67 -10.88 -7.26
CA MET A 53 -5.99 -11.43 -7.53
C MET A 53 -6.75 -11.59 -6.23
N ASN A 54 -7.94 -10.97 -6.16
CA ASN A 54 -8.84 -11.06 -5.01
C ASN A 54 -10.03 -11.94 -5.33
N TRP A 55 -10.52 -12.60 -4.30
CA TRP A 55 -11.82 -13.28 -4.32
C TRP A 55 -12.76 -12.60 -3.33
N VAL A 56 -14.05 -12.48 -3.72
CA VAL A 56 -15.05 -11.77 -2.90
C VAL A 56 -16.32 -12.61 -2.87
N LYS A 57 -16.93 -12.80 -1.68
CA LYS A 57 -18.16 -13.58 -1.52
C LYS A 57 -19.33 -12.62 -1.39
N GLN A 58 -20.46 -12.94 -2.01
CA GLN A 58 -21.64 -12.08 -1.83
C GLN A 58 -22.87 -12.96 -1.65
N ARG A 59 -23.49 -12.87 -0.49
CA ARG A 59 -24.68 -13.69 -0.34
C ARG A 59 -25.92 -12.95 -0.84
N PRO A 60 -26.99 -13.73 -1.16
CA PRO A 60 -28.14 -13.20 -1.92
C PRO A 60 -28.45 -11.72 -1.77
N GLY A 61 -29.11 -11.34 -0.68
CA GLY A 61 -29.44 -9.96 -0.47
C GLY A 61 -28.40 -9.21 0.31
N GLN A 62 -27.25 -9.83 0.58
CA GLN A 62 -26.38 -9.34 1.61
C GLN A 62 -25.17 -8.60 1.06
N GLY A 63 -24.16 -8.44 1.90
CA GLY A 63 -23.03 -7.61 1.58
C GLY A 63 -21.94 -8.43 0.95
N LEU A 64 -20.79 -7.81 0.90
CA LEU A 64 -19.58 -8.33 0.28
C LEU A 64 -18.57 -8.62 1.36
N GLU A 65 -17.87 -9.76 1.25
CA GLU A 65 -16.84 -10.13 2.19
C GLU A 65 -15.60 -10.47 1.39
N CYS A 66 -14.45 -9.92 1.77
CA CYS A 66 -13.20 -10.32 1.11
C CYS A 66 -12.77 -11.69 1.64
N ILE A 67 -12.53 -12.64 0.74
CA ILE A 67 -12.01 -13.93 1.17
C ILE A 67 -10.50 -13.91 1.28
N GLY A 68 -9.83 -13.31 0.31
CA GLY A 68 -8.38 -13.24 0.34
C GLY A 68 -7.86 -12.87 -1.02
N MET A 69 -6.54 -12.80 -1.10
CA MET A 69 -5.90 -12.42 -2.36
C MET A 69 -4.57 -13.17 -2.50
N ILE A 70 -4.15 -13.35 -3.74
CA ILE A 70 -2.92 -14.05 -4.03
C ILE A 70 -2.20 -13.29 -5.13
N HIS A 71 -0.87 -13.19 -5.04
CA HIS A 71 -0.19 -12.49 -6.10
C HIS A 71 0.49 -13.49 -7.01
N PRO A 72 0.21 -13.53 -8.31
CA PRO A 72 0.77 -14.59 -9.15
C PRO A 72 2.28 -14.50 -9.35
N SER A 73 2.90 -13.35 -9.13
CA SER A 73 4.35 -13.29 -9.29
C SER A 73 5.05 -14.33 -8.41
N ASP A 74 4.83 -14.26 -7.08
CA ASP A 74 5.51 -15.15 -6.13
C ASP A 74 4.53 -16.01 -5.33
N GLY A 75 3.24 -15.92 -5.59
CA GLY A 75 2.29 -16.70 -4.81
C GLY A 75 1.99 -16.13 -3.45
N GLU A 76 2.47 -14.94 -3.13
CA GLU A 76 2.07 -14.26 -1.92
C GLU A 76 0.54 -14.20 -1.81
N THR A 77 0.04 -14.46 -0.60
CA THR A 77 -1.37 -14.63 -0.35
C THR A 77 -1.67 -14.06 1.03
N ARG A 78 -2.81 -13.41 1.15
CA ARG A 78 -3.34 -12.89 2.40
C ARG A 78 -4.79 -13.37 2.48
N LEU A 79 -5.14 -13.97 3.60
CA LEU A 79 -6.41 -14.66 3.76
C LEU A 79 -7.16 -14.00 4.90
N ASN A 80 -8.44 -13.75 4.68
CA ASN A 80 -9.35 -13.34 5.74
C ASN A 80 -9.52 -14.52 6.70
N GLN A 81 -9.12 -14.33 7.96
CA GLN A 81 -9.06 -15.46 8.87
C GLN A 81 -10.42 -16.10 9.10
N LYS A 82 -11.51 -15.40 8.82
CA LYS A 82 -12.81 -16.04 8.82
C LYS A 82 -12.84 -17.24 7.90
N PHE A 83 -12.06 -17.22 6.81
CA PHE A 83 -12.07 -18.25 5.81
C PHE A 83 -10.89 -19.19 5.88
N LYS A 84 -10.08 -19.11 6.94
CA LYS A 84 -8.81 -19.86 6.96
C LYS A 84 -9.02 -21.35 6.77
N ASP A 85 -10.11 -21.90 7.29
CA ASP A 85 -10.39 -23.32 7.15
C ASP A 85 -11.41 -23.62 6.06
N LYS A 86 -11.72 -22.64 5.21
CA LYS A 86 -12.72 -22.81 4.16
C LYS A 86 -12.14 -22.69 2.77
N ALA A 87 -11.29 -21.69 2.53
CA ALA A 87 -10.84 -21.33 1.19
C ALA A 87 -9.33 -21.56 1.00
N THR A 88 -8.94 -22.00 -0.19
CA THR A 88 -7.53 -22.21 -0.53
C THR A 88 -7.32 -21.61 -1.91
N LEU A 89 -6.39 -20.68 -2.05
CA LEU A 89 -6.16 -19.98 -3.30
C LEU A 89 -4.90 -20.53 -3.98
N THR A 90 -5.01 -20.78 -5.27
CA THR A 90 -3.95 -21.36 -6.06
C THR A 90 -4.02 -20.72 -7.43
N LEU A 91 -3.03 -21.04 -8.27
CA LEU A 91 -2.82 -20.45 -9.59
C LEU A 91 -2.35 -21.48 -10.59
N ASP A 92 -2.82 -21.38 -11.83
CA ASP A 92 -2.18 -22.04 -12.97
C ASP A 92 -1.54 -20.92 -13.79
N LYS A 93 -0.28 -20.62 -13.47
CA LYS A 93 0.35 -19.47 -14.14
C LYS A 93 0.39 -19.68 -15.65
N SER A 94 0.54 -20.94 -16.10
CA SER A 94 0.71 -21.21 -17.52
C SER A 94 -0.53 -20.85 -18.32
N SER A 95 -1.72 -20.97 -17.71
CA SER A 95 -2.95 -20.58 -18.38
C SER A 95 -3.55 -19.27 -17.82
N SER A 96 -2.81 -18.57 -16.96
CA SER A 96 -3.31 -17.33 -16.36
C SER A 96 -4.65 -17.54 -15.68
N THR A 97 -4.76 -18.62 -14.91
CA THR A 97 -6.01 -18.94 -14.23
C THR A 97 -5.76 -18.91 -12.72
N ALA A 98 -6.66 -18.27 -12.00
CA ALA A 98 -6.66 -18.29 -10.55
C ALA A 98 -7.79 -19.18 -10.06
N TYR A 99 -7.55 -19.85 -8.93
CA TYR A 99 -8.52 -20.80 -8.40
C TYR A 99 -8.77 -20.50 -6.94
N MET A 100 -9.98 -20.81 -6.52
CA MET A 100 -10.30 -20.81 -5.10
C MET A 100 -11.05 -22.10 -4.79
N GLN A 101 -10.52 -22.88 -3.85
CA GLN A 101 -11.13 -24.13 -3.49
C GLN A 101 -11.86 -23.96 -2.16
N LEU A 102 -13.11 -24.39 -2.13
CA LEU A 102 -13.92 -24.34 -0.93
C LEU A 102 -14.02 -25.73 -0.37
N SER A 103 -13.57 -25.91 0.85
CA SER A 103 -13.63 -27.28 1.34
C SER A 103 -14.93 -27.49 2.10
N SER A 104 -15.29 -28.76 2.24
CA SER A 104 -16.54 -29.24 2.83
C SER A 104 -17.66 -28.20 2.76
N PRO A 105 -18.15 -27.93 1.57
CA PRO A 105 -19.16 -26.88 1.42
C PRO A 105 -20.43 -27.19 2.21
N THR A 106 -21.06 -26.13 2.71
CA THR A 106 -22.34 -26.22 3.37
C THR A 106 -23.27 -25.15 2.80
N SER A 107 -24.54 -25.17 3.21
CA SER A 107 -25.48 -24.18 2.71
C SER A 107 -24.99 -22.75 2.98
N GLU A 108 -24.16 -22.56 4.01
CA GLU A 108 -23.59 -21.23 4.28
C GLU A 108 -22.62 -20.74 3.19
N ASP A 109 -22.08 -21.64 2.36
CA ASP A 109 -21.20 -21.27 1.26
C ASP A 109 -21.94 -20.98 -0.03
N SER A 110 -23.26 -21.24 -0.09
CA SER A 110 -24.04 -20.85 -1.25
C SER A 110 -23.99 -19.32 -1.38
N ALA A 111 -23.52 -18.81 -2.52
CA ALA A 111 -23.24 -17.39 -2.66
C ALA A 111 -22.70 -17.11 -4.07
N VAL A 112 -22.61 -15.82 -4.41
CA VAL A 112 -21.91 -15.43 -5.62
C VAL A 112 -20.45 -15.24 -5.23
N TYR A 113 -19.52 -15.73 -6.05
CA TYR A 113 -18.08 -15.55 -5.81
C TYR A 113 -17.49 -14.79 -6.99
N TYR A 114 -16.87 -13.63 -6.72
CA TYR A 114 -16.26 -12.77 -7.70
C TYR A 114 -14.74 -12.90 -7.55
N CYS A 115 -14.03 -12.97 -8.67
CA CYS A 115 -12.62 -12.61 -8.67
C CYS A 115 -12.49 -11.16 -9.15
N THR A 116 -11.43 -10.51 -8.72
CA THR A 116 -11.17 -9.13 -9.10
C THR A 116 -9.71 -8.89 -8.82
N THR A 117 -9.04 -8.10 -9.67
CA THR A 117 -7.61 -7.94 -9.38
C THR A 117 -7.43 -6.91 -8.26
N HIS A 118 -7.54 -5.64 -8.61
CA HIS A 118 -7.40 -4.55 -7.63
C HIS A 118 -8.73 -3.83 -7.39
N PHE A 119 -9.82 -4.61 -7.48
CA PHE A 119 -11.19 -4.17 -7.23
C PHE A 119 -11.66 -3.20 -8.27
N ASP A 120 -10.98 -3.18 -9.42
CA ASP A 120 -11.38 -2.39 -10.55
C ASP A 120 -11.87 -3.24 -11.69
N TYR A 121 -11.06 -4.23 -12.13
CA TYR A 121 -11.52 -5.24 -13.07
C TYR A 121 -12.15 -6.37 -12.28
N TRP A 122 -13.39 -6.72 -12.63
CA TRP A 122 -14.13 -7.78 -11.94
C TRP A 122 -14.56 -8.88 -12.91
N GLY A 123 -14.45 -10.11 -12.49
CA GLY A 123 -15.19 -11.18 -13.16
C GLY A 123 -16.70 -10.96 -13.00
N GLN A 124 -17.48 -11.80 -13.70
CA GLN A 124 -18.92 -11.62 -13.61
C GLN A 124 -19.50 -12.40 -12.46
N GLY A 125 -18.66 -13.13 -11.72
CA GLY A 125 -19.12 -13.85 -10.55
C GLY A 125 -19.68 -15.24 -10.87
N THR A 126 -19.38 -16.22 -10.02
CA THR A 126 -19.98 -17.56 -10.11
C THR A 126 -21.04 -17.72 -9.03
N THR A 127 -22.24 -18.11 -9.43
CA THR A 127 -23.26 -18.45 -8.45
C THR A 127 -23.02 -19.90 -8.03
N LEU A 128 -22.61 -20.08 -6.79
CA LEU A 128 -22.41 -21.42 -6.24
C LEU A 128 -23.66 -21.83 -5.46
N THR A 129 -24.19 -23.01 -5.74
CA THR A 129 -25.29 -23.57 -4.97
C THR A 129 -24.79 -24.83 -4.30
N VAL A 130 -24.97 -24.95 -2.99
CA VAL A 130 -24.66 -26.17 -2.26
C VAL A 130 -25.98 -26.87 -1.93
N SER A 131 -26.20 -28.05 -2.52
CA SER A 131 -27.48 -28.73 -2.41
C SER A 131 -27.30 -30.20 -2.75
N SER A 132 -28.07 -31.04 -2.08
CA SER A 132 -28.12 -32.45 -2.44
C SER A 132 -29.32 -32.77 -3.32
N ALA A 133 -30.07 -31.75 -3.72
CA ALA A 133 -31.25 -31.98 -4.55
C ALA A 133 -30.88 -32.72 -5.82
N LYS A 134 -31.85 -33.50 -6.33
CA LYS A 134 -31.69 -34.25 -7.56
C LYS A 134 -32.36 -33.50 -8.69
N THR A 135 -31.81 -33.63 -9.89
CA THR A 135 -32.45 -33.04 -11.06
C THR A 135 -33.91 -33.44 -11.13
N THR A 136 -34.82 -32.46 -11.06
CA THR A 136 -36.27 -32.75 -11.06
C THR A 136 -37.00 -31.82 -12.02
N ALA A 137 -37.79 -32.39 -12.94
CA ALA A 137 -38.52 -31.56 -13.90
C ALA A 137 -39.64 -30.79 -13.19
N PRO A 138 -40.03 -29.62 -13.70
CA PRO A 138 -41.11 -28.85 -13.05
C PRO A 138 -42.49 -29.39 -13.33
N SER A 139 -43.37 -29.24 -12.36
CA SER A 139 -44.81 -29.27 -12.61
C SER A 139 -45.26 -27.88 -13.01
N VAL A 140 -46.08 -27.80 -14.06
CA VAL A 140 -46.56 -26.53 -14.60
C VAL A 140 -48.09 -26.48 -14.47
N TYR A 141 -48.61 -25.44 -13.82
CA TYR A 141 -50.05 -25.34 -13.57
C TYR A 141 -50.65 -24.09 -14.19
N PRO A 142 -51.67 -24.20 -15.02
CA PRO A 142 -52.30 -23.03 -15.61
C PRO A 142 -53.26 -22.39 -14.62
N LEU A 143 -53.27 -21.06 -14.56
CA LEU A 143 -54.08 -20.32 -13.58
C LEU A 143 -55.06 -19.44 -14.33
N ALA A 144 -56.29 -19.95 -14.54
CA ALA A 144 -57.34 -19.13 -15.13
C ALA A 144 -58.01 -18.29 -14.04
N PRO A 145 -58.76 -17.26 -14.42
CA PRO A 145 -59.47 -16.47 -13.41
C PRO A 145 -60.58 -17.26 -12.71
N VAL A 146 -60.99 -16.73 -11.57
CA VAL A 146 -62.14 -17.27 -10.86
C VAL A 146 -63.30 -17.49 -11.83
N CYS A 147 -63.88 -18.71 -11.79
CA CYS A 147 -65.26 -19.07 -12.25
C CYS A 147 -65.42 -20.46 -12.86
N GLY A 152 -64.19 -6.93 -15.87
CA GLY A 152 -63.49 -5.67 -15.99
C GLY A 152 -62.93 -5.38 -17.38
N SER A 153 -62.03 -4.41 -17.48
CA SER A 153 -61.45 -4.04 -18.77
C SER A 153 -60.35 -4.99 -19.21
N SER A 154 -59.58 -5.52 -18.28
CA SER A 154 -58.53 -6.46 -18.64
C SER A 154 -58.70 -7.71 -17.79
N VAL A 155 -57.89 -8.72 -18.11
CA VAL A 155 -57.90 -9.97 -17.38
C VAL A 155 -56.45 -10.38 -17.19
N THR A 156 -56.13 -10.92 -16.01
CA THR A 156 -54.82 -11.47 -15.79
C THR A 156 -54.93 -12.97 -15.62
N LEU A 157 -53.97 -13.68 -16.21
CA LEU A 157 -53.84 -15.11 -16.05
C LEU A 157 -52.49 -15.40 -15.41
N GLY A 158 -52.31 -16.61 -14.91
CA GLY A 158 -51.07 -16.96 -14.23
C GLY A 158 -50.57 -18.32 -14.68
N CYS A 159 -49.29 -18.55 -14.41
CA CYS A 159 -48.69 -19.84 -14.67
C CYS A 159 -47.78 -20.13 -13.49
N LEU A 160 -48.00 -21.25 -12.82
CA LEU A 160 -47.27 -21.62 -11.61
C LEU A 160 -46.35 -22.79 -11.92
N VAL A 161 -45.05 -22.62 -11.65
CA VAL A 161 -44.05 -23.64 -11.96
C VAL A 161 -43.52 -24.15 -10.62
N LYS A 162 -43.81 -25.41 -10.26
CA LYS A 162 -43.43 -25.94 -8.95
C LYS A 162 -42.48 -27.13 -9.02
N GLY A 163 -41.56 -27.19 -8.07
CA GLY A 163 -40.85 -28.43 -7.81
C GLY A 163 -39.76 -28.81 -8.78
N TYR A 164 -38.94 -27.86 -9.20
CA TYR A 164 -37.90 -28.19 -10.17
C TYR A 164 -36.51 -27.98 -9.57
N PHE A 165 -35.53 -28.62 -10.18
CA PHE A 165 -34.13 -28.48 -9.82
C PHE A 165 -33.23 -29.03 -10.92
N PRO A 166 -32.10 -28.38 -11.24
CA PRO A 166 -31.60 -27.12 -10.69
C PRO A 166 -32.28 -25.95 -11.37
N GLU A 167 -31.97 -24.71 -10.94
CA GLU A 167 -32.28 -23.60 -11.80
C GLU A 167 -31.40 -23.68 -13.05
N PRO A 168 -31.80 -23.04 -14.16
CA PRO A 168 -33.02 -22.22 -14.27
C PRO A 168 -34.10 -22.87 -15.11
N VAL A 169 -35.30 -22.28 -15.08
CA VAL A 169 -36.29 -22.53 -16.10
C VAL A 169 -36.43 -21.27 -16.94
N THR A 170 -36.89 -21.44 -18.17
CA THR A 170 -37.26 -20.32 -18.97
C THR A 170 -38.77 -20.40 -19.22
N LEU A 171 -39.50 -19.34 -18.82
CA LEU A 171 -40.95 -19.27 -18.96
C LEU A 171 -41.29 -18.18 -19.95
N THR A 172 -42.14 -18.51 -20.91
CA THR A 172 -42.66 -17.54 -21.86
C THR A 172 -44.15 -17.72 -22.03
N TRP A 173 -44.76 -16.75 -22.71
CA TRP A 173 -46.19 -16.78 -22.99
C TRP A 173 -46.39 -16.72 -24.49
N ASN A 174 -47.18 -17.66 -25.01
CA ASN A 174 -47.32 -17.85 -26.45
C ASN A 174 -45.96 -17.85 -27.15
N SER A 175 -45.03 -18.61 -26.59
CA SER A 175 -43.70 -18.81 -27.16
C SER A 175 -42.92 -17.52 -27.31
N GLY A 176 -43.25 -16.50 -26.51
CA GLY A 176 -42.55 -15.24 -26.55
C GLY A 176 -43.26 -14.17 -27.35
N SER A 177 -44.25 -14.55 -28.15
CA SER A 177 -45.12 -13.59 -28.83
C SER A 177 -45.74 -12.62 -27.84
N LEU A 178 -46.22 -13.12 -26.70
CA LEU A 178 -46.94 -12.32 -25.72
C LEU A 178 -45.94 -11.96 -24.63
N SER A 179 -45.38 -10.73 -24.71
CA SER A 179 -44.32 -10.27 -23.84
C SER A 179 -44.65 -9.01 -23.06
N SER A 180 -45.55 -8.16 -23.55
CA SER A 180 -45.93 -7.02 -22.72
C SER A 180 -46.94 -7.42 -21.65
N GLY A 181 -46.98 -6.62 -20.59
CA GLY A 181 -47.84 -6.89 -19.46
C GLY A 181 -47.52 -8.18 -18.75
N VAL A 182 -46.26 -8.62 -18.75
CA VAL A 182 -45.88 -9.86 -18.10
C VAL A 182 -45.09 -9.53 -16.84
N HIS A 183 -45.40 -10.24 -15.75
CA HIS A 183 -44.53 -10.29 -14.58
C HIS A 183 -44.12 -11.74 -14.32
N THR A 184 -42.82 -12.02 -14.48
CA THR A 184 -42.27 -13.32 -14.09
C THR A 184 -41.38 -13.12 -12.87
N PHE A 185 -41.69 -13.77 -11.82
CA PHE A 185 -41.13 -13.56 -10.50
C PHE A 185 -39.91 -14.41 -10.24
N PRO A 186 -38.93 -13.86 -9.50
CA PRO A 186 -37.77 -14.66 -9.10
C PRO A 186 -38.22 -16.00 -8.54
N ALA A 187 -37.51 -17.06 -8.93
CA ALA A 187 -37.67 -18.36 -8.31
C ALA A 187 -37.28 -18.30 -6.84
N VAL A 188 -38.02 -19.05 -6.01
CA VAL A 188 -37.71 -19.28 -4.59
C VAL A 188 -37.71 -20.78 -4.29
N LEU A 189 -37.04 -21.13 -3.19
CA LEU A 189 -37.02 -22.52 -2.72
C LEU A 189 -38.33 -22.86 -1.99
N GLN A 190 -38.98 -23.93 -2.44
CA GLN A 190 -40.18 -24.46 -1.81
C GLN A 190 -39.84 -25.58 -0.83
N SER A 191 -38.73 -26.25 -1.05
CA SER A 191 -38.17 -27.22 -0.12
C SER A 191 -36.68 -27.25 -0.41
N ASP A 192 -36.22 -28.38 -0.93
CA ASP A 192 -34.99 -28.39 -1.72
C ASP A 192 -35.29 -28.14 -3.20
N LEU A 193 -36.53 -27.79 -3.56
CA LEU A 193 -36.89 -27.54 -4.96
C LEU A 193 -37.32 -26.10 -5.19
N TYR A 194 -37.36 -25.72 -6.46
CA TYR A 194 -37.61 -24.33 -6.78
C TYR A 194 -39.04 -24.20 -7.27
N THR A 195 -39.59 -23.01 -7.05
CA THR A 195 -40.87 -22.63 -7.61
C THR A 195 -40.83 -21.19 -8.08
N LEU A 196 -41.48 -20.94 -9.21
CA LEU A 196 -41.64 -19.58 -9.67
CA LEU A 196 -41.56 -19.64 -9.84
C LEU A 196 -42.97 -19.47 -10.40
N SER A 197 -43.40 -18.21 -10.56
CA SER A 197 -44.71 -17.91 -11.15
C SER A 197 -44.60 -16.72 -12.08
N SER A 198 -45.63 -16.58 -12.93
CA SER A 198 -45.69 -15.49 -13.88
C SER A 198 -47.17 -15.13 -14.09
N SER A 199 -47.46 -13.83 -14.13
CA SER A 199 -48.77 -13.30 -14.52
C SER A 199 -48.67 -12.66 -15.90
N VAL A 200 -49.74 -12.75 -16.67
CA VAL A 200 -49.87 -11.99 -17.90
C VAL A 200 -51.19 -11.26 -17.85
N THR A 201 -51.18 -9.99 -18.26
CA THR A 201 -52.36 -9.15 -18.29
C THR A 201 -52.63 -8.74 -19.72
N VAL A 202 -53.87 -8.95 -20.17
CA VAL A 202 -54.32 -8.66 -21.52
C VAL A 202 -55.71 -8.05 -21.45
N THR A 203 -56.13 -7.41 -22.53
CA THR A 203 -57.46 -6.80 -22.53
C THR A 203 -58.52 -7.88 -22.48
N SER A 204 -59.65 -7.54 -21.86
CA SER A 204 -60.72 -8.51 -21.69
C SER A 204 -61.15 -9.10 -23.02
N SER A 205 -61.10 -8.33 -24.10
CA SER A 205 -61.61 -8.82 -25.36
C SER A 205 -60.67 -9.80 -26.05
N THR A 206 -59.46 -9.97 -25.54
CA THR A 206 -58.48 -10.80 -26.22
C THR A 206 -58.47 -12.22 -25.69
N TRP A 207 -58.82 -12.45 -24.42
CA TRP A 207 -58.89 -13.81 -23.89
C TRP A 207 -60.25 -14.07 -23.29
N PRO A 208 -60.85 -15.25 -23.52
CA PRO A 208 -60.41 -16.51 -24.14
C PRO A 208 -60.61 -16.66 -25.64
N SER A 209 -61.11 -15.63 -26.33
CA SER A 209 -61.22 -15.70 -27.78
C SER A 209 -59.90 -16.08 -28.42
N GLN A 210 -58.80 -15.61 -27.87
CA GLN A 210 -57.48 -15.97 -28.39
C GLN A 210 -56.79 -16.91 -27.41
N SER A 211 -56.11 -17.90 -27.97
CA SER A 211 -55.34 -18.83 -27.15
C SER A 211 -54.20 -18.11 -26.43
N ILE A 212 -54.01 -18.47 -25.16
CA ILE A 212 -52.86 -18.03 -24.38
C ILE A 212 -52.28 -19.25 -23.68
N THR A 213 -50.98 -19.47 -23.87
CA THR A 213 -50.29 -20.66 -23.37
C THR A 213 -49.06 -20.26 -22.57
N CYS A 214 -48.88 -20.90 -21.43
CA CYS A 214 -47.63 -20.83 -20.71
C CYS A 214 -46.64 -21.88 -21.26
N ASN A 215 -45.41 -21.46 -21.57
CA ASN A 215 -44.36 -22.40 -22.00
C ASN A 215 -43.19 -22.36 -21.02
N VAL A 216 -42.76 -23.54 -20.58
CA VAL A 216 -41.69 -23.67 -19.59
C VAL A 216 -40.63 -24.64 -20.12
N ALA A 217 -39.39 -24.16 -20.20
CA ALA A 217 -38.27 -25.00 -20.61
C ALA A 217 -37.38 -25.20 -19.41
N HIS A 218 -36.98 -26.45 -19.16
CA HIS A 218 -36.08 -26.80 -18.09
C HIS A 218 -34.97 -27.62 -18.74
N PRO A 219 -33.92 -26.97 -19.21
CA PRO A 219 -32.91 -27.68 -19.98
C PRO A 219 -32.17 -28.73 -19.18
N ALA A 220 -31.99 -28.54 -17.86
CA ALA A 220 -31.22 -29.55 -17.14
C ALA A 220 -31.93 -30.90 -17.11
N SER A 221 -33.27 -30.91 -17.16
CA SER A 221 -34.00 -32.18 -17.27
C SER A 221 -34.42 -32.48 -18.70
N SER A 222 -33.92 -31.70 -19.67
CA SER A 222 -34.36 -31.82 -21.06
C SER A 222 -35.87 -31.93 -21.17
N THR A 223 -36.60 -31.00 -20.51
CA THR A 223 -38.06 -30.98 -20.53
C THR A 223 -38.56 -29.66 -21.08
N LYS A 224 -39.55 -29.71 -21.95
CA LYS A 224 -40.32 -28.52 -22.32
C LYS A 224 -41.79 -28.83 -22.05
N VAL A 225 -42.51 -27.85 -21.49
CA VAL A 225 -43.90 -28.05 -21.08
C VAL A 225 -44.74 -26.88 -21.57
N ASP A 226 -45.86 -27.18 -22.24
CA ASP A 226 -46.84 -26.17 -22.61
C ASP A 226 -48.15 -26.42 -21.86
N LYS A 227 -48.72 -25.37 -21.27
CA LYS A 227 -50.05 -25.49 -20.66
C LYS A 227 -50.90 -24.36 -21.23
N LYS A 228 -51.95 -24.73 -21.94
CA LYS A 228 -52.86 -23.70 -22.45
C LYS A 228 -53.77 -23.28 -21.30
N ILE A 229 -54.05 -21.98 -21.19
CA ILE A 229 -54.87 -21.46 -20.09
C ILE A 229 -56.32 -21.57 -20.51
N GLU A 230 -57.09 -22.37 -19.80
CA GLU A 230 -58.49 -22.56 -20.17
C GLU A 230 -59.43 -21.97 -19.12
N PRO A 231 -60.53 -21.32 -19.54
CA PRO A 231 -61.54 -20.88 -18.57
C PRO A 231 -62.02 -22.04 -17.70
N ARG A 232 -62.25 -21.77 -16.42
CA ARG A 232 -62.64 -22.84 -15.47
C ARG A 232 -64.07 -23.37 -15.64
N ASP B 21 -13.16 -7.01 10.55
CA ASP B 21 -12.85 -6.50 11.87
C ASP B 21 -13.19 -5.00 12.02
N ILE B 22 -12.70 -4.13 11.10
CA ILE B 22 -13.27 -2.79 11.00
C ILE B 22 -14.69 -2.92 10.44
N VAL B 23 -15.64 -2.26 11.10
CA VAL B 23 -17.04 -2.28 10.69
C VAL B 23 -17.41 -0.96 10.06
N LEU B 24 -18.02 -1.03 8.87
CA LEU B 24 -18.51 0.14 8.16
C LEU B 24 -20.03 0.10 8.19
N ILE B 25 -20.65 1.19 8.58
CA ILE B 25 -22.11 1.28 8.68
C ILE B 25 -22.62 2.23 7.60
N GLN B 26 -23.55 1.74 6.79
CA GLN B 26 -24.22 2.55 5.80
C GLN B 26 -25.66 2.67 6.24
N SER B 27 -26.09 3.90 6.53
CA SER B 27 -27.41 4.16 7.11
C SER B 27 -28.02 5.36 6.40
N PRO B 28 -29.27 5.27 5.92
CA PRO B 28 -30.19 4.15 6.01
C PRO B 28 -29.89 3.14 4.89
N ALA B 29 -30.61 2.02 4.91
CA ALA B 29 -30.35 0.97 3.94
C ALA B 29 -30.96 1.30 2.59
N THR B 30 -31.97 2.14 2.54
CA THR B 30 -32.64 2.49 1.30
C THR B 30 -32.92 4.00 1.29
N LEU B 31 -32.80 4.60 0.10
CA LEU B 31 -33.08 5.99 -0.16
C LEU B 31 -33.93 6.03 -1.40
N SER B 32 -34.93 6.92 -1.41
CA SER B 32 -35.80 7.17 -2.55
C SER B 32 -35.53 8.58 -3.06
N VAL B 33 -35.30 8.71 -4.36
CA VAL B 33 -35.01 10.02 -4.92
C VAL B 33 -35.59 10.03 -6.32
N THR B 34 -36.01 11.16 -6.73
CA THR B 34 -36.53 11.47 -8.06
C THR B 34 -35.37 11.83 -8.98
N PRO B 35 -35.38 11.39 -10.23
CA PRO B 35 -34.29 11.79 -11.13
C PRO B 35 -34.19 13.31 -11.19
N GLY B 36 -32.96 13.81 -11.22
CA GLY B 36 -32.70 15.23 -11.16
C GLY B 36 -32.43 15.74 -9.76
N ASP B 37 -32.87 15.04 -8.73
CA ASP B 37 -32.54 15.47 -7.40
C ASP B 37 -31.13 15.06 -7.04
N SER B 38 -30.60 15.72 -6.04
CA SER B 38 -29.27 15.43 -5.53
C SER B 38 -29.34 14.62 -4.26
N VAL B 39 -28.25 13.90 -4.01
CA VAL B 39 -28.20 12.92 -2.94
C VAL B 39 -26.79 12.91 -2.37
N SER B 40 -26.67 12.58 -1.08
CA SER B 40 -25.40 12.11 -0.54
C SER B 40 -25.66 10.88 0.32
N LEU B 41 -24.74 9.91 0.25
CA LEU B 41 -24.78 8.67 1.01
C LEU B 41 -23.72 8.68 2.08
N SER B 42 -24.01 8.00 3.18
CA SER B 42 -23.18 8.01 4.36
C SER B 42 -22.49 6.67 4.59
N CYS B 43 -21.25 6.74 5.03
CA CYS B 43 -20.51 5.54 5.44
C CYS B 43 -19.67 5.92 6.65
N ARG B 44 -19.85 5.22 7.76
CA ARG B 44 -19.11 5.53 8.98
C ARG B 44 -18.35 4.30 9.42
N ALA B 45 -17.09 4.49 9.75
CA ALA B 45 -16.17 3.40 10.10
C ALA B 45 -16.05 3.25 11.61
N SER B 46 -15.92 2.02 12.07
CA SER B 46 -15.76 1.75 13.49
C SER B 46 -14.45 2.28 14.05
N GLN B 47 -13.45 2.51 13.22
CA GLN B 47 -12.21 3.13 13.68
C GLN B 47 -11.66 3.97 12.54
N ARG B 48 -10.63 4.73 12.84
CA ARG B 48 -10.12 5.68 11.86
C ARG B 48 -9.44 4.93 10.73
N ILE B 49 -9.68 5.35 9.49
CA ILE B 49 -9.16 4.61 8.34
C ILE B 49 -8.43 5.53 7.37
N SER B 50 -8.08 6.74 7.80
CA SER B 50 -7.33 7.69 6.95
C SER B 50 -8.16 7.89 5.69
N ASN B 51 -7.56 7.92 4.51
CA ASN B 51 -8.30 8.08 3.26
C ASN B 51 -8.58 6.75 2.55
N ASN B 52 -8.36 5.63 3.23
CA ASN B 52 -8.49 4.30 2.59
C ASN B 52 -9.95 3.86 2.50
N LEU B 53 -10.75 4.65 1.78
CA LEU B 53 -12.17 4.38 1.66
CA LEU B 53 -12.19 4.40 1.66
C LEU B 53 -12.60 4.57 0.21
N HIS B 54 -13.28 3.56 -0.35
CA HIS B 54 -13.66 3.53 -1.75
C HIS B 54 -15.15 3.28 -1.87
N TRP B 55 -15.71 3.70 -2.99
CA TRP B 55 -17.14 3.51 -3.22
C TRP B 55 -17.38 2.71 -4.50
N TYR B 56 -18.38 1.81 -4.44
CA TYR B 56 -18.78 0.92 -5.52
C TYR B 56 -20.26 1.05 -5.81
N GLN B 57 -20.61 1.02 -7.09
CA GLN B 57 -21.99 0.88 -7.54
C GLN B 57 -22.19 -0.57 -7.96
N GLN B 58 -23.35 -1.14 -7.66
CA GLN B 58 -23.69 -2.49 -8.13
C GLN B 58 -25.15 -2.49 -8.55
N LYS B 59 -25.39 -2.54 -9.88
CA LYS B 59 -26.74 -2.77 -10.39
C LYS B 59 -27.14 -4.22 -10.25
N SER B 60 -28.46 -4.46 -10.30
CA SER B 60 -29.01 -5.81 -10.34
C SER B 60 -28.33 -6.67 -11.38
N HIS B 61 -27.88 -7.85 -10.96
CA HIS B 61 -27.31 -8.87 -11.83
C HIS B 61 -25.92 -8.49 -12.36
N GLU B 62 -25.20 -7.62 -11.69
CA GLU B 62 -23.93 -7.17 -12.20
C GLU B 62 -22.94 -7.26 -11.07
N SER B 63 -21.66 -7.30 -11.42
CA SER B 63 -20.65 -7.16 -10.41
C SER B 63 -20.53 -5.69 -10.05
N PRO B 64 -19.93 -5.41 -8.90
CA PRO B 64 -19.72 -4.04 -8.46
C PRO B 64 -18.73 -3.35 -9.37
N ARG B 65 -18.78 -2.03 -9.34
CA ARG B 65 -17.97 -1.16 -10.18
C ARG B 65 -17.42 -0.03 -9.32
N LEU B 66 -16.08 0.09 -9.30
CA LEU B 66 -15.41 1.15 -8.54
C LEU B 66 -15.79 2.54 -9.06
N LEU B 67 -16.27 3.42 -8.15
CA LEU B 67 -16.74 4.75 -8.49
C LEU B 67 -15.81 5.86 -8.04
N ILE B 68 -15.33 5.75 -6.81
CA ILE B 68 -14.42 6.70 -6.20
C ILE B 68 -13.43 5.88 -5.42
N ARG B 69 -12.14 6.27 -5.47
CA ARG B 69 -11.16 5.54 -4.67
C ARG B 69 -10.43 6.51 -3.77
N TYR B 70 -9.93 5.98 -2.64
CA TYR B 70 -9.15 6.76 -1.69
C TYR B 70 -9.86 8.07 -1.34
N THR B 71 -11.12 7.93 -0.92
CA THR B 71 -12.03 8.94 -0.33
C THR B 71 -12.58 9.88 -1.40
N SER B 72 -11.72 10.49 -2.22
CA SER B 72 -12.20 11.49 -3.15
C SER B 72 -11.59 11.44 -4.56
N GLN B 73 -10.75 10.46 -4.89
CA GLN B 73 -10.10 10.40 -6.20
C GLN B 73 -11.08 9.88 -7.24
N SER B 74 -11.21 10.60 -8.34
CA SER B 74 -12.18 10.23 -9.36
C SER B 74 -11.63 9.11 -10.22
N ILE B 75 -12.54 8.34 -10.82
CA ILE B 75 -12.23 7.13 -11.58
C ILE B 75 -12.48 7.45 -13.05
N SER B 76 -11.51 7.14 -13.91
CA SER B 76 -11.65 7.50 -15.31
C SER B 76 -12.97 6.95 -15.90
N GLY B 77 -13.71 7.78 -16.62
CA GLY B 77 -14.99 7.34 -17.20
C GLY B 77 -16.21 7.51 -16.31
N ILE B 78 -16.06 7.65 -15.00
CA ILE B 78 -17.21 7.84 -14.12
C ILE B 78 -17.71 9.28 -14.26
N PRO B 79 -19.01 9.49 -14.44
CA PRO B 79 -19.55 10.87 -14.59
C PRO B 79 -19.06 11.84 -13.49
N SER B 80 -18.83 13.09 -13.87
CA SER B 80 -18.39 14.04 -12.85
C SER B 80 -19.48 14.37 -11.84
N ARG B 81 -20.71 13.89 -12.02
CA ARG B 81 -21.68 14.16 -10.97
C ARG B 81 -21.38 13.38 -9.68
N PHE B 82 -20.54 12.33 -9.73
CA PHE B 82 -20.11 11.60 -8.53
C PHE B 82 -18.89 12.28 -7.92
N SER B 83 -18.92 12.49 -6.59
CA SER B 83 -17.75 12.98 -5.86
C SER B 83 -17.75 12.31 -4.50
N GLY B 84 -16.57 12.20 -3.88
CA GLY B 84 -16.47 11.73 -2.51
C GLY B 84 -15.76 12.70 -1.58
N SER B 85 -16.12 12.65 -0.30
CA SER B 85 -15.34 13.37 0.71
C SER B 85 -15.41 12.59 2.02
N GLY B 86 -14.66 13.03 3.00
CA GLY B 86 -14.68 12.39 4.30
C GLY B 86 -13.42 12.68 5.08
N SER B 87 -13.45 12.27 6.35
CA SER B 87 -12.33 12.52 7.26
C SER B 87 -12.20 11.31 8.18
N GLY B 88 -11.22 10.47 7.89
CA GLY B 88 -10.83 9.41 8.80
C GLY B 88 -11.92 8.45 9.25
N THR B 89 -13.06 8.97 9.70
CA THR B 89 -14.10 8.16 10.31
C THR B 89 -15.47 8.28 9.65
N ASP B 90 -15.82 9.44 9.10
CA ASP B 90 -17.11 9.65 8.46
C ASP B 90 -16.87 10.04 7.01
N PHE B 91 -17.59 9.38 6.09
CA PHE B 91 -17.38 9.51 4.66
C PHE B 91 -18.72 9.73 3.98
N THR B 92 -18.69 10.39 2.84
CA THR B 92 -19.91 10.63 2.06
C THR B 92 -19.61 10.50 0.59
N LEU B 93 -20.54 9.91 -0.13
CA LEU B 93 -20.55 9.91 -1.58
C LEU B 93 -21.67 10.83 -2.03
N SER B 94 -21.36 11.82 -2.86
CA SER B 94 -22.35 12.75 -3.32
C SER B 94 -22.63 12.50 -4.78
N ILE B 95 -23.92 12.57 -5.13
CA ILE B 95 -24.38 12.50 -6.50
C ILE B 95 -25.26 13.73 -6.73
N ASN B 96 -24.79 14.65 -7.56
CA ASN B 96 -25.62 15.81 -7.88
C ASN B 96 -26.46 15.45 -9.09
N SER B 97 -27.77 15.58 -8.98
CA SER B 97 -28.60 15.24 -10.14
C SER B 97 -28.52 13.75 -10.45
N VAL B 98 -29.13 12.92 -9.62
CA VAL B 98 -29.20 11.50 -9.92
C VAL B 98 -29.84 11.34 -11.29
N GLU B 99 -29.31 10.38 -12.07
CA GLU B 99 -29.86 10.01 -13.37
C GLU B 99 -30.37 8.57 -13.27
N THR B 100 -31.24 8.19 -14.23
CA THR B 100 -31.83 6.85 -14.16
C THR B 100 -30.77 5.76 -14.12
N GLU B 101 -29.59 5.98 -14.72
CA GLU B 101 -28.58 4.90 -14.72
C GLU B 101 -27.89 4.76 -13.37
N ASP B 102 -28.15 5.68 -12.44
CA ASP B 102 -27.53 5.71 -11.12
C ASP B 102 -28.26 4.83 -10.09
N PHE B 103 -29.48 4.43 -10.36
CA PHE B 103 -30.20 3.67 -9.35
C PHE B 103 -29.59 2.27 -9.20
N GLY B 104 -29.42 1.85 -7.97
CA GLY B 104 -28.78 0.58 -7.70
C GLY B 104 -28.25 0.60 -6.28
N MET B 105 -27.40 -0.38 -5.99
CA MET B 105 -26.80 -0.50 -4.68
C MET B 105 -25.48 0.26 -4.64
N TYR B 106 -25.22 0.95 -3.53
CA TYR B 106 -23.92 1.57 -3.28
C TYR B 106 -23.28 0.99 -2.04
N PHE B 107 -22.00 0.62 -2.17
CA PHE B 107 -21.22 0.10 -1.07
C PHE B 107 -19.98 0.95 -0.84
N CYS B 108 -19.57 1.03 0.40
CA CYS B 108 -18.26 1.55 0.73
C CYS B 108 -17.38 0.40 1.20
N GLN B 109 -16.07 0.56 1.06
CA GLN B 109 -15.12 -0.50 1.42
C GLN B 109 -13.90 0.14 2.05
N GLN B 110 -13.46 -0.32 3.22
CA GLN B 110 -12.20 0.19 3.75
C GLN B 110 -11.04 -0.74 3.41
N SER B 111 -9.88 -0.14 3.06
CA SER B 111 -8.66 -0.90 2.82
C SER B 111 -7.54 -0.43 3.73
N ASN B 112 -7.90 0.09 4.91
CA ASN B 112 -6.92 0.51 5.89
C ASN B 112 -6.28 -0.68 6.61
N SER B 113 -7.10 -1.67 6.93
CA SER B 113 -6.63 -2.83 7.67
C SER B 113 -7.21 -4.11 7.07
N TRP B 114 -6.36 -5.11 6.90
CA TRP B 114 -6.79 -6.42 6.46
C TRP B 114 -7.45 -7.15 7.63
N PRO B 115 -8.63 -7.76 7.44
CA PRO B 115 -9.34 -7.92 6.17
C PRO B 115 -10.01 -6.64 5.71
N PHE B 116 -9.89 -6.34 4.42
CA PHE B 116 -10.72 -5.31 3.83
C PHE B 116 -12.19 -5.71 4.03
N THR B 117 -13.01 -4.72 4.36
CA THR B 117 -14.40 -4.98 4.71
C THR B 117 -15.28 -3.94 4.03
N PHE B 118 -16.50 -4.35 3.67
CA PHE B 118 -17.48 -3.49 3.02
C PHE B 118 -18.59 -3.12 4.00
N GLY B 119 -19.17 -1.93 3.82
CA GLY B 119 -20.45 -1.65 4.46
C GLY B 119 -21.55 -2.56 3.93
N SER B 120 -22.71 -2.49 4.56
CA SER B 120 -23.82 -3.34 4.14
C SER B 120 -24.53 -2.81 2.90
N GLY B 121 -24.25 -1.60 2.46
CA GLY B 121 -24.87 -1.11 1.25
C GLY B 121 -26.11 -0.25 1.49
N THR B 122 -26.29 0.74 0.62
CA THR B 122 -27.47 1.61 0.58
C THR B 122 -28.05 1.50 -0.81
N LYS B 123 -29.32 1.10 -0.90
CA LYS B 123 -29.99 1.00 -2.18
C LYS B 123 -30.60 2.34 -2.52
N LEU B 124 -30.29 2.83 -3.70
CA LEU B 124 -30.91 4.02 -4.27
C LEU B 124 -32.02 3.54 -5.18
N GLU B 125 -33.28 3.87 -4.86
CA GLU B 125 -34.38 3.49 -5.73
C GLU B 125 -35.07 4.74 -6.25
N MET B 126 -35.80 4.57 -7.35
CA MET B 126 -36.47 5.68 -8.01
C MET B 126 -37.79 5.98 -7.31
N LYS B 127 -37.92 7.22 -6.82
CA LYS B 127 -39.17 7.75 -6.29
C LYS B 127 -40.16 8.02 -7.41
N ARG B 128 -41.41 7.70 -7.16
CA ARG B 128 -42.47 7.94 -8.12
C ARG B 128 -43.74 8.12 -7.33
N ALA B 129 -44.84 8.29 -8.03
CA ALA B 129 -46.10 8.50 -7.33
C ALA B 129 -46.60 7.20 -6.70
N ASP B 130 -47.24 7.33 -5.54
CA ASP B 130 -47.77 6.14 -4.91
C ASP B 130 -48.76 5.45 -5.84
N ALA B 131 -48.75 4.12 -5.82
CA ALA B 131 -49.71 3.37 -6.61
C ALA B 131 -50.10 2.11 -5.86
N ALA B 132 -51.39 1.93 -5.68
CA ALA B 132 -51.92 0.74 -5.04
C ALA B 132 -51.69 -0.49 -5.92
N PRO B 133 -51.50 -1.66 -5.33
CA PRO B 133 -51.36 -2.88 -6.15
C PRO B 133 -52.64 -3.23 -6.88
N THR B 134 -52.47 -3.71 -8.11
CA THR B 134 -53.52 -4.40 -8.83
C THR B 134 -53.44 -5.86 -8.41
N VAL B 135 -54.52 -6.38 -7.84
CA VAL B 135 -54.49 -7.64 -7.12
C VAL B 135 -55.37 -8.66 -7.83
N SER B 136 -54.84 -9.87 -8.03
CA SER B 136 -55.53 -10.94 -8.73
C SER B 136 -55.39 -12.23 -7.94
N ILE B 137 -56.47 -12.90 -7.67
CA ILE B 137 -56.42 -14.14 -6.92
C ILE B 137 -56.84 -15.28 -7.83
N PHE B 138 -56.19 -16.43 -7.65
CA PHE B 138 -56.37 -17.61 -8.51
C PHE B 138 -56.55 -18.84 -7.64
N PRO B 139 -57.67 -19.55 -7.76
CA PRO B 139 -57.81 -20.86 -7.12
C PRO B 139 -56.76 -21.82 -7.65
N PRO B 140 -56.42 -22.85 -6.88
CA PRO B 140 -55.55 -23.90 -7.40
C PRO B 140 -56.00 -24.39 -8.77
N SER B 141 -55.01 -24.73 -9.59
CA SER B 141 -55.26 -25.50 -10.79
C SER B 141 -55.92 -26.84 -10.44
N SER B 142 -56.98 -27.21 -11.13
CA SER B 142 -57.59 -28.47 -10.75
C SER B 142 -56.66 -29.64 -11.05
N GLU B 143 -55.84 -29.54 -12.11
CA GLU B 143 -54.86 -30.58 -12.38
C GLU B 143 -53.87 -30.74 -11.21
N GLN B 144 -53.51 -29.63 -10.56
CA GLN B 144 -52.58 -29.75 -9.43
C GLN B 144 -53.18 -30.58 -8.29
N LEU B 145 -54.50 -30.53 -8.09
CA LEU B 145 -55.04 -31.23 -6.95
C LEU B 145 -54.83 -32.74 -7.10
N THR B 146 -54.72 -33.21 -8.34
CA THR B 146 -54.47 -34.65 -8.46
C THR B 146 -53.12 -35.03 -7.85
N SER B 147 -52.23 -34.07 -7.55
CA SER B 147 -50.95 -34.34 -6.89
C SER B 147 -51.07 -34.40 -5.37
N GLY B 148 -52.26 -34.11 -4.81
CA GLY B 148 -52.46 -34.04 -3.38
C GLY B 148 -52.10 -32.69 -2.76
N GLY B 149 -51.54 -31.75 -3.52
CA GLY B 149 -51.35 -30.39 -3.05
C GLY B 149 -52.24 -29.38 -3.77
N ALA B 150 -52.28 -28.17 -3.19
CA ALA B 150 -53.20 -27.13 -3.63
C ALA B 150 -52.53 -25.78 -3.39
N SER B 151 -52.19 -25.07 -4.47
CA SER B 151 -51.57 -23.76 -4.36
C SER B 151 -52.54 -22.67 -4.78
N VAL B 152 -52.86 -21.77 -3.86
CA VAL B 152 -53.65 -20.59 -4.16
C VAL B 152 -52.67 -19.44 -4.42
N VAL B 153 -52.89 -18.69 -5.51
CA VAL B 153 -51.92 -17.68 -5.91
C VAL B 153 -52.56 -16.30 -5.95
N CYS B 154 -51.81 -15.32 -5.45
CA CYS B 154 -52.23 -13.93 -5.45
C CYS B 154 -51.09 -13.09 -6.04
N PHE B 155 -51.39 -12.35 -7.10
CA PHE B 155 -50.45 -11.42 -7.69
C PHE B 155 -50.81 -10.02 -7.22
N LEU B 156 -49.80 -9.25 -6.83
CA LEU B 156 -50.03 -7.85 -6.42
C LEU B 156 -49.14 -7.01 -7.32
N ASN B 157 -49.69 -6.44 -8.39
CA ASN B 157 -48.85 -5.94 -9.46
C ASN B 157 -48.80 -4.42 -9.50
N ASN B 158 -47.58 -3.92 -9.71
CA ASN B 158 -47.31 -2.52 -10.10
C ASN B 158 -47.74 -1.55 -9.00
N PHE B 159 -47.18 -1.74 -7.84
CA PHE B 159 -47.47 -0.83 -6.76
C PHE B 159 -46.22 -0.02 -6.42
N TYR B 160 -46.42 0.98 -5.56
CA TYR B 160 -45.32 1.80 -5.09
C TYR B 160 -45.80 2.55 -3.87
N PRO B 161 -45.00 2.64 -2.76
CA PRO B 161 -43.62 2.18 -2.59
C PRO B 161 -43.46 0.65 -2.41
N LYS B 162 -42.22 0.15 -2.26
CA LYS B 162 -41.99 -1.31 -2.32
C LYS B 162 -42.65 -2.03 -1.15
N ASP B 163 -42.82 -1.37 -0.01
CA ASP B 163 -43.21 -2.06 1.23
C ASP B 163 -44.68 -2.44 1.18
N ILE B 164 -44.97 -3.71 1.45
CA ILE B 164 -46.35 -4.20 1.35
C ILE B 164 -46.49 -5.39 2.25
N ASN B 165 -47.68 -5.57 2.86
CA ASN B 165 -48.02 -6.76 3.62
C ASN B 165 -49.12 -7.55 2.89
N VAL B 166 -48.96 -8.86 2.81
CA VAL B 166 -50.03 -9.72 2.28
C VAL B 166 -50.45 -10.68 3.39
N LYS B 167 -51.75 -10.80 3.60
CA LYS B 167 -52.31 -11.71 4.56
C LYS B 167 -53.27 -12.64 3.83
N TRP B 168 -53.15 -13.95 4.09
CA TRP B 168 -54.08 -14.95 3.56
C TRP B 168 -55.11 -15.31 4.62
N LYS B 169 -56.38 -15.38 4.21
CA LYS B 169 -57.43 -15.87 5.10
C LYS B 169 -58.18 -17.02 4.44
N ILE B 170 -58.52 -18.03 5.24
CA ILE B 170 -59.25 -19.23 4.81
C ILE B 170 -60.52 -19.29 5.64
N ASP B 171 -61.68 -19.14 4.99
CA ASP B 171 -62.96 -19.08 5.72
C ASP B 171 -62.87 -18.02 6.81
N GLY B 172 -62.19 -16.93 6.51
CA GLY B 172 -62.14 -15.80 7.40
C GLY B 172 -61.04 -15.83 8.43
N SER B 173 -60.28 -16.92 8.54
CA SER B 173 -59.22 -17.02 9.54
C SER B 173 -57.83 -16.89 8.91
N GLU B 174 -56.96 -16.09 9.56
CA GLU B 174 -55.62 -15.88 9.02
C GLU B 174 -54.82 -17.18 8.99
N ARG B 175 -54.04 -17.37 7.93
CA ARG B 175 -53.24 -18.57 7.73
C ARG B 175 -51.78 -18.17 7.55
N GLN B 176 -50.92 -18.64 8.45
CA GLN B 176 -49.49 -18.30 8.43
C GLN B 176 -48.63 -19.30 7.63
N ASN B 177 -48.80 -20.58 7.92
CA ASN B 177 -47.94 -21.62 7.37
C ASN B 177 -48.20 -21.82 5.87
N GLY B 178 -47.14 -22.06 5.09
CA GLY B 178 -47.30 -22.50 3.72
C GLY B 178 -47.37 -21.41 2.67
N VAL B 179 -47.05 -20.15 3.04
CA VAL B 179 -47.03 -19.03 2.11
C VAL B 179 -45.63 -18.83 1.57
N LEU B 180 -45.50 -18.61 0.27
CA LEU B 180 -44.21 -18.30 -0.33
C LEU B 180 -44.34 -17.01 -1.11
N ASN B 181 -43.50 -16.03 -0.80
CA ASN B 181 -43.57 -14.73 -1.43
C ASN B 181 -42.35 -14.52 -2.33
N SER B 182 -42.56 -13.85 -3.46
CA SER B 182 -41.43 -13.43 -4.27
C SER B 182 -41.70 -12.08 -4.92
N TRP B 183 -40.68 -11.22 -4.93
CA TRP B 183 -40.79 -9.83 -5.34
C TRP B 183 -39.90 -9.53 -6.54
N THR B 184 -40.45 -8.80 -7.51
CA THR B 184 -39.67 -8.31 -8.63
C THR B 184 -38.81 -7.11 -8.23
N ASP B 185 -37.73 -6.91 -8.96
CA ASP B 185 -36.95 -5.68 -8.85
C ASP B 185 -37.80 -4.50 -9.33
N GLN B 186 -37.43 -3.28 -8.90
CA GLN B 186 -38.14 -2.10 -9.38
C GLN B 186 -38.20 -2.08 -10.92
N ASP B 187 -39.39 -1.79 -11.45
CA ASP B 187 -39.61 -1.81 -12.90
C ASP B 187 -38.80 -0.72 -13.61
N SER B 188 -38.01 -1.13 -14.62
CA SER B 188 -37.12 -0.19 -15.29
C SER B 188 -37.88 0.78 -16.19
N LYS B 189 -39.18 0.59 -16.39
CA LYS B 189 -39.93 1.49 -17.26
C LYS B 189 -40.94 2.36 -16.52
N ASP B 190 -41.63 1.86 -15.50
CA ASP B 190 -42.61 2.66 -14.78
C ASP B 190 -42.32 2.81 -13.29
N SER B 191 -41.20 2.27 -12.82
CA SER B 191 -40.70 2.42 -11.46
C SER B 191 -41.55 1.72 -10.40
N THR B 192 -42.38 0.74 -10.77
CA THR B 192 -43.24 0.09 -9.78
C THR B 192 -42.61 -1.21 -9.31
N TYR B 193 -43.24 -1.78 -8.30
CA TYR B 193 -42.87 -3.10 -7.80
C TYR B 193 -44.06 -4.03 -7.97
N SER B 194 -43.76 -5.32 -8.05
CA SER B 194 -44.80 -6.36 -8.11
C SER B 194 -44.40 -7.51 -7.21
N MET B 195 -45.41 -8.29 -6.81
CA MET B 195 -45.18 -9.36 -5.83
C MET B 195 -46.11 -10.52 -6.15
N SER B 196 -45.62 -11.74 -5.88
CA SER B 196 -46.43 -12.96 -5.98
C SER B 196 -46.47 -13.62 -4.61
N SER B 197 -47.67 -14.11 -4.22
CA SER B 197 -47.83 -14.80 -2.96
C SER B 197 -48.55 -16.12 -3.25
N THR B 198 -47.93 -17.23 -2.87
CA THR B 198 -48.49 -18.56 -3.10
C THR B 198 -48.75 -19.18 -1.74
N LEU B 199 -49.99 -19.66 -1.51
CA LEU B 199 -50.35 -20.37 -0.29
C LEU B 199 -50.57 -21.82 -0.74
N THR B 200 -49.73 -22.71 -0.25
CA THR B 200 -49.79 -24.11 -0.63
C THR B 200 -50.37 -24.94 0.51
N LEU B 201 -51.41 -25.67 0.21
CA LEU B 201 -52.09 -26.51 1.19
C LEU B 201 -52.12 -27.91 0.61
N THR B 202 -52.55 -28.86 1.44
CA THR B 202 -52.93 -30.16 0.93
C THR B 202 -54.28 -30.05 0.23
N LYS B 203 -54.53 -31.01 -0.68
CA LYS B 203 -55.82 -31.06 -1.36
C LYS B 203 -56.94 -31.11 -0.34
N ASP B 204 -56.79 -31.97 0.66
CA ASP B 204 -57.88 -32.19 1.61
C ASP B 204 -58.18 -30.91 2.38
N GLU B 205 -57.14 -30.19 2.76
CA GLU B 205 -57.39 -28.95 3.47
C GLU B 205 -58.07 -27.91 2.56
N TYR B 206 -57.58 -27.78 1.34
CA TYR B 206 -58.18 -26.85 0.40
C TYR B 206 -59.66 -27.14 0.23
N GLU B 207 -60.02 -28.42 0.11
CA GLU B 207 -61.38 -28.76 -0.27
C GLU B 207 -62.35 -28.62 0.89
N ARG B 208 -61.85 -28.60 2.12
CA ARG B 208 -62.75 -28.54 3.25
C ARG B 208 -62.92 -27.11 3.76
N HIS B 209 -62.58 -26.13 2.93
CA HIS B 209 -62.90 -24.72 3.19
C HIS B 209 -63.47 -24.10 1.93
N ASN B 210 -64.14 -22.97 2.07
CA ASN B 210 -64.82 -22.46 0.90
C ASN B 210 -64.51 -21.03 0.55
N SER B 211 -64.01 -20.22 1.49
CA SER B 211 -63.69 -18.82 1.23
C SER B 211 -62.18 -18.62 1.29
N TYR B 212 -61.57 -18.15 0.21
CA TYR B 212 -60.15 -17.85 0.16
C TYR B 212 -59.93 -16.37 -0.11
N THR B 213 -59.05 -15.73 0.69
CA THR B 213 -58.90 -14.29 0.65
C THR B 213 -57.43 -13.92 0.70
N CYS B 214 -57.06 -13.02 -0.21
CA CYS B 214 -55.78 -12.37 -0.28
C CYS B 214 -55.96 -10.90 0.10
N GLU B 215 -55.34 -10.47 1.21
CA GLU B 215 -55.44 -9.09 1.73
C GLU B 215 -54.08 -8.37 1.66
N ALA B 216 -54.04 -7.25 0.95
CA ALA B 216 -52.83 -6.47 0.71
C ALA B 216 -52.96 -5.16 1.47
N THR B 217 -52.07 -4.93 2.45
CA THR B 217 -51.98 -3.65 3.14
C THR B 217 -50.76 -2.88 2.66
N HIS B 218 -50.98 -1.63 2.28
CA HIS B 218 -50.02 -0.82 1.56
C HIS B 218 -50.19 0.62 2.03
N LYS B 219 -49.12 1.41 1.92
CA LYS B 219 -49.16 2.80 2.35
C LYS B 219 -50.34 3.57 1.74
N THR B 220 -50.82 3.11 0.59
CA THR B 220 -51.80 3.74 -0.28
C THR B 220 -53.23 3.72 0.31
N SER B 221 -53.49 2.93 1.35
CA SER B 221 -54.77 3.00 2.04
C SER B 221 -54.64 2.41 3.45
N THR B 222 -55.41 2.98 4.39
CA THR B 222 -55.54 2.38 5.72
C THR B 222 -56.49 1.18 5.71
N SER B 223 -57.24 0.96 4.60
CA SER B 223 -58.06 -0.22 4.40
C SER B 223 -57.29 -1.21 3.53
N PRO B 224 -57.20 -2.48 3.91
CA PRO B 224 -56.58 -3.48 3.01
C PRO B 224 -57.33 -3.57 1.68
N ILE B 225 -56.57 -3.83 0.61
CA ILE B 225 -57.16 -4.26 -0.65
C ILE B 225 -57.40 -5.76 -0.58
N VAL B 226 -58.63 -6.17 -0.83
CA VAL B 226 -59.06 -7.56 -0.64
C VAL B 226 -59.50 -8.14 -1.98
N LYS B 227 -58.97 -9.33 -2.35
CA LYS B 227 -59.60 -10.15 -3.36
C LYS B 227 -59.85 -11.54 -2.77
N SER B 228 -60.98 -12.12 -3.09
CA SER B 228 -61.30 -13.42 -2.51
C SER B 228 -62.10 -14.19 -3.52
N PHE B 229 -62.21 -15.48 -3.30
CA PHE B 229 -63.11 -16.27 -4.11
C PHE B 229 -63.78 -17.31 -3.22
N ASN B 230 -64.89 -17.86 -3.72
CA ASN B 230 -65.53 -19.03 -3.12
C ASN B 230 -65.24 -20.23 -4.00
N ARG B 231 -64.74 -21.30 -3.37
CA ARG B 231 -64.21 -22.46 -4.09
C ARG B 231 -65.11 -22.90 -5.25
N ASN B 232 -66.44 -22.92 -5.08
CA ASN B 232 -67.29 -23.30 -6.22
C ASN B 232 -67.88 -22.14 -7.07
N VAL C 21 10.05 19.75 -8.30
CA VAL C 21 9.91 19.42 -6.90
C VAL C 21 11.13 19.88 -6.15
N GLN C 22 10.91 20.49 -4.99
CA GLN C 22 12.01 20.93 -4.16
C GLN C 22 11.69 20.60 -2.71
N LEU C 23 12.65 20.00 -2.02
CA LEU C 23 12.60 19.78 -0.57
C LEU C 23 13.75 20.55 0.07
N GLN C 24 13.45 21.62 0.81
CA GLN C 24 14.47 22.54 1.31
C GLN C 24 14.68 22.35 2.81
N GLN C 25 15.90 21.99 3.18
CA GLN C 25 16.34 21.72 4.53
C GLN C 25 17.52 22.65 4.82
N PRO C 26 17.59 23.25 6.00
CA PRO C 26 18.77 24.04 6.31
C PRO C 26 19.97 23.14 6.26
N GLY C 27 21.13 23.75 5.97
CA GLY C 27 22.34 22.95 5.86
C GLY C 27 22.79 22.35 7.18
N ALA C 28 22.67 23.11 8.27
CA ALA C 28 23.19 22.65 9.57
C ALA C 28 22.32 23.20 10.70
N GLU C 29 22.33 22.49 11.83
CA GLU C 29 21.68 22.93 13.05
C GLU C 29 22.55 22.55 14.22
N LEU C 30 22.66 23.45 15.19
CA LEU C 30 23.39 23.18 16.42
C LEU C 30 22.34 23.09 17.52
N VAL C 31 22.50 22.14 18.43
CA VAL C 31 21.59 22.06 19.57
C VAL C 31 22.39 21.72 20.81
N ARG C 32 22.04 22.39 21.90
CA ARG C 32 22.56 22.06 23.20
C ARG C 32 22.01 20.71 23.63
N PRO C 33 22.83 19.87 24.27
CA PRO C 33 22.31 18.62 24.81
C PRO C 33 21.14 18.93 25.72
N GLY C 34 20.13 18.08 25.70
CA GLY C 34 18.97 18.26 26.54
C GLY C 34 17.94 19.23 26.02
N ALA C 35 18.26 20.05 25.04
CA ALA C 35 17.37 21.09 24.55
C ALA C 35 16.72 20.67 23.23
N SER C 36 15.40 20.78 23.17
CA SER C 36 14.65 20.35 22.00
C SER C 36 15.11 21.07 20.73
N VAL C 37 15.15 20.35 19.61
CA VAL C 37 15.40 20.97 18.32
C VAL C 37 14.32 20.50 17.34
N LYS C 38 13.96 21.37 16.40
CA LYS C 38 12.97 21.06 15.37
C LYS C 38 13.54 21.33 13.99
N LEU C 39 13.81 20.24 13.25
CA LEU C 39 14.28 20.33 11.88
C LEU C 39 13.12 20.59 10.92
N SER C 40 13.40 21.30 9.82
CA SER C 40 12.37 21.68 8.86
C SER C 40 12.69 21.17 7.47
N CYS C 41 11.63 20.94 6.71
CA CYS C 41 11.72 20.45 5.34
C CYS C 41 10.60 21.16 4.59
N LYS C 42 10.95 22.18 3.80
CA LYS C 42 9.95 23.01 3.15
C LYS C 42 9.78 22.52 1.73
N ALA C 43 8.57 22.05 1.42
CA ALA C 43 8.26 21.43 0.15
C ALA C 43 7.69 22.44 -0.81
N SER C 44 8.09 22.33 -2.07
CA SER C 44 7.55 23.20 -3.10
C SER C 44 7.51 22.45 -4.42
N GLY C 45 6.67 22.92 -5.31
CA GLY C 45 6.66 22.42 -6.65
C GLY C 45 5.79 21.21 -6.86
N TYR C 46 4.97 20.87 -5.88
CA TYR C 46 4.03 19.75 -5.94
C TYR C 46 3.02 19.94 -4.82
N THR C 47 1.97 19.13 -4.85
CA THR C 47 0.90 19.20 -3.87
C THR C 47 1.34 18.54 -2.57
N PHE C 48 1.56 19.37 -1.54
CA PHE C 48 2.07 18.87 -0.27
C PHE C 48 1.25 17.67 0.22
N THR C 49 -0.04 17.69 -0.05
CA THR C 49 -0.97 16.73 0.55
C THR C 49 -1.15 15.44 -0.24
N SER C 50 -0.42 15.26 -1.35
CA SER C 50 -0.52 14.07 -2.17
C SER C 50 0.52 13.01 -1.84
N TYR C 51 1.50 13.30 -0.99
CA TYR C 51 2.53 12.30 -0.79
C TYR C 51 2.93 12.28 0.68
N TRP C 52 3.34 11.08 1.12
CA TRP C 52 3.96 10.90 2.43
C TRP C 52 5.24 11.73 2.52
N MET C 53 5.63 12.08 3.74
CA MET C 53 6.93 12.73 3.96
C MET C 53 7.71 11.90 4.95
N ASN C 54 8.89 11.45 4.55
CA ASN C 54 9.73 10.57 5.34
C ASN C 54 10.94 11.32 5.89
N TRP C 55 11.42 10.88 7.07
CA TRP C 55 12.68 11.36 7.64
C TRP C 55 13.64 10.20 7.81
N VAL C 56 14.88 10.40 7.42
CA VAL C 56 15.92 9.38 7.43
C VAL C 56 17.14 9.92 8.17
N LYS C 57 17.70 9.13 9.08
CA LYS C 57 18.92 9.50 9.81
C LYS C 57 20.13 8.76 9.23
N GLN C 58 21.26 9.46 9.09
CA GLN C 58 22.51 8.84 8.66
C GLN C 58 23.66 9.42 9.45
N ARG C 59 24.32 8.61 10.23
CA ARG C 59 25.56 9.12 10.81
C ARG C 59 26.65 9.08 9.76
N PRO C 60 27.35 10.21 9.50
CA PRO C 60 28.36 10.23 8.43
C PRO C 60 29.21 8.98 8.36
N GLY C 61 29.33 8.42 7.15
CA GLY C 61 30.12 7.23 6.90
C GLY C 61 29.48 5.93 7.30
N GLN C 62 28.27 5.96 7.87
CA GLN C 62 27.54 4.73 8.16
C GLN C 62 26.21 4.67 7.41
N GLY C 63 25.26 3.93 8.01
CA GLY C 63 24.05 3.54 7.33
C GLY C 63 22.93 4.54 7.46
N LEU C 64 21.81 4.15 6.86
CA LEU C 64 20.60 4.94 6.80
C LEU C 64 19.57 4.26 7.66
N GLU C 65 18.81 5.07 8.39
CA GLU C 65 17.78 4.61 9.31
C GLU C 65 16.52 5.40 9.06
N CYS C 66 15.41 4.71 8.89
CA CYS C 66 14.08 5.33 8.78
C CYS C 66 13.56 5.74 10.16
N ILE C 67 13.37 7.05 10.34
CA ILE C 67 12.79 7.56 11.58
C ILE C 67 11.28 7.41 11.58
N GLY C 68 10.63 7.80 10.48
CA GLY C 68 9.18 7.87 10.50
C GLY C 68 8.68 8.55 9.25
N MET C 69 7.35 8.52 9.09
CA MET C 69 6.75 9.28 8.02
C MET C 69 5.44 9.86 8.53
N ILE C 70 5.01 10.93 7.87
CA ILE C 70 3.74 11.58 8.15
C ILE C 70 3.11 11.96 6.83
N HIS C 71 1.78 11.76 6.71
CA HIS C 71 1.07 12.22 5.52
C HIS C 71 0.47 13.59 5.76
N PRO C 72 0.82 14.61 4.96
CA PRO C 72 0.28 15.95 5.23
C PRO C 72 -1.20 16.07 4.96
N SER C 73 -1.81 15.09 4.27
CA SER C 73 -3.26 15.17 4.05
C SER C 73 -4.01 15.23 5.38
N ASP C 74 -3.73 14.31 6.29
CA ASP C 74 -4.46 14.20 7.54
C ASP C 74 -3.52 13.99 8.72
N GLY C 75 -2.21 14.06 8.53
CA GLY C 75 -1.33 13.91 9.67
C GLY C 75 -1.10 12.49 10.16
N GLU C 76 -1.50 11.48 9.41
CA GLU C 76 -1.28 10.14 9.93
C GLU C 76 0.22 9.84 9.86
N THR C 77 0.76 9.27 10.94
CA THR C 77 2.19 9.08 11.05
C THR C 77 2.49 7.62 11.34
N ARG C 78 3.69 7.21 10.96
CA ARG C 78 4.21 5.90 11.30
C ARG C 78 5.60 6.14 11.83
N LEU C 79 5.88 5.73 13.07
CA LEU C 79 7.19 5.97 13.64
C LEU C 79 7.92 4.64 13.79
N ASN C 80 9.22 4.69 13.56
CA ASN C 80 10.11 3.58 13.90
C ASN C 80 10.19 3.52 15.42
N GLN C 81 9.83 2.37 15.99
CA GLN C 81 9.83 2.26 17.44
C GLN C 81 11.14 2.69 18.07
N LYS C 82 12.25 2.56 17.36
CA LYS C 82 13.53 3.04 17.88
C LYS C 82 13.47 4.53 18.22
N PHE C 83 12.70 5.31 17.47
CA PHE C 83 12.65 6.75 17.67
C PHE C 83 11.34 7.22 18.30
N LYS C 84 10.42 6.30 18.63
CA LYS C 84 9.09 6.71 19.07
C LYS C 84 9.12 7.75 20.19
N ASP C 85 10.07 7.64 21.13
CA ASP C 85 10.18 8.62 22.21
C ASP C 85 11.18 9.74 21.94
N LYS C 86 11.92 9.67 20.85
CA LYS C 86 12.91 10.68 20.52
C LYS C 86 12.39 11.69 19.51
N ALA C 87 11.64 11.23 18.51
CA ALA C 87 11.19 12.04 17.39
C ALA C 87 9.69 12.27 17.42
N THR C 88 9.28 13.51 17.10
CA THR C 88 7.88 13.89 16.91
C THR C 88 7.76 14.57 15.55
N LEU C 89 6.82 14.11 14.73
CA LEU C 89 6.63 14.61 13.38
C LEU C 89 5.40 15.51 13.34
N THR C 90 5.53 16.69 12.71
CA THR C 90 4.44 17.64 12.63
C THR C 90 4.47 18.33 11.27
N LEU C 91 3.42 19.13 11.03
CA LEU C 91 3.15 19.80 9.77
C LEU C 91 2.82 21.27 9.96
N ASP C 92 3.27 22.11 9.04
CA ASP C 92 2.65 23.42 8.82
C ASP C 92 2.07 23.42 7.41
N LYS C 93 0.82 22.97 7.29
CA LYS C 93 0.14 23.02 6.01
C LYS C 93 0.13 24.44 5.44
N SER C 94 0.13 25.47 6.29
CA SER C 94 0.08 26.81 5.74
C SER C 94 1.35 27.21 4.99
N SER C 95 2.49 26.53 5.26
CA SER C 95 3.74 26.83 4.59
C SER C 95 4.29 25.63 3.83
N SER C 96 3.50 24.56 3.73
CA SER C 96 3.99 23.30 3.15
C SER C 96 5.34 22.91 3.74
N THR C 97 5.43 22.89 5.07
CA THR C 97 6.66 22.51 5.77
C THR C 97 6.40 21.34 6.71
N ALA C 98 7.28 20.36 6.65
CA ALA C 98 7.23 19.22 7.56
C ALA C 98 8.28 19.46 8.60
N TYR C 99 8.02 18.99 9.81
CA TYR C 99 8.95 19.26 10.89
C TYR C 99 9.24 17.97 11.61
N MET C 100 10.47 17.83 12.06
CA MET C 100 10.83 16.70 12.92
C MET C 100 11.50 17.24 14.16
N GLN C 101 10.88 16.97 15.30
CA GLN C 101 11.42 17.42 16.57
C GLN C 101 12.07 16.26 17.32
N LEU C 102 13.29 16.49 17.77
CA LEU C 102 14.02 15.58 18.64
C LEU C 102 14.02 16.15 20.05
N SER C 103 13.54 15.35 21.00
CA SER C 103 13.54 15.69 22.41
C SER C 103 14.88 15.31 23.03
N SER C 104 15.15 15.86 24.23
CA SER C 104 16.47 15.89 24.86
C SER C 104 17.55 15.24 24.00
N PRO C 105 18.02 15.95 22.98
CA PRO C 105 19.11 15.44 22.14
C PRO C 105 20.32 15.06 22.99
N THR C 106 21.00 14.01 22.55
CA THR C 106 22.32 13.66 23.04
C THR C 106 23.26 13.54 21.85
N SER C 107 24.51 13.18 22.13
CA SER C 107 25.49 12.96 21.07
C SER C 107 25.09 11.82 20.15
N GLU C 108 24.22 10.91 20.61
CA GLU C 108 23.73 9.87 19.71
C GLU C 108 22.93 10.47 18.56
N ASP C 109 22.31 11.63 18.78
CA ASP C 109 21.47 12.31 17.80
C ASP C 109 22.26 13.15 16.78
N SER C 110 23.54 13.40 17.00
CA SER C 110 24.33 14.11 15.98
C SER C 110 24.44 13.27 14.73
N ALA C 111 24.04 13.82 13.59
CA ALA C 111 23.78 12.98 12.42
C ALA C 111 23.35 13.92 11.29
N VAL C 112 23.27 13.36 10.10
CA VAL C 112 22.57 14.04 9.01
C VAL C 112 21.14 13.54 9.02
N TYR C 113 20.21 14.47 8.83
CA TYR C 113 18.80 14.11 8.76
C TYR C 113 18.28 14.53 7.39
N TYR C 114 17.81 13.57 6.60
CA TYR C 114 17.15 13.87 5.32
C TYR C 114 15.63 13.79 5.44
N CYS C 115 14.95 14.63 4.67
CA CYS C 115 13.56 14.40 4.34
C CYS C 115 13.48 13.97 2.89
N THR C 116 12.51 13.09 2.60
CA THR C 116 12.23 12.63 1.26
C THR C 116 10.76 12.25 1.26
N THR C 117 10.10 12.41 0.10
CA THR C 117 8.69 12.04 0.02
C THR C 117 8.55 10.52 -0.10
N HIS C 118 8.67 9.95 -1.30
CA HIS C 118 8.61 8.51 -1.49
C HIS C 118 9.98 7.93 -1.86
N PHE C 119 11.03 8.45 -1.23
CA PHE C 119 12.39 7.96 -1.39
C PHE C 119 12.89 8.20 -2.81
N ASP C 120 12.13 8.97 -3.58
CA ASP C 120 12.52 9.47 -4.89
C ASP C 120 13.08 10.90 -4.80
N TYR C 121 12.26 11.86 -4.35
CA TYR C 121 12.74 13.22 -4.10
C TYR C 121 13.29 13.36 -2.68
N TRP C 122 14.51 13.93 -2.58
CA TRP C 122 15.24 14.00 -1.33
C TRP C 122 15.66 15.45 -1.07
N GLY C 123 15.60 15.88 0.20
CA GLY C 123 16.25 17.11 0.59
C GLY C 123 17.76 16.91 0.60
N GLN C 124 18.49 18.01 0.82
CA GLN C 124 19.94 17.89 0.84
C GLN C 124 20.45 17.38 2.17
N GLY C 125 19.57 17.37 3.16
CA GLY C 125 19.93 16.90 4.49
C GLY C 125 20.49 18.00 5.38
N THR C 126 20.16 17.91 6.66
CA THR C 126 20.57 18.86 7.68
C THR C 126 21.58 18.17 8.57
N THR C 127 22.77 18.75 8.73
CA THR C 127 23.76 18.19 9.63
C THR C 127 23.46 18.73 11.02
N LEU C 128 23.06 17.85 11.92
CA LEU C 128 22.68 18.26 13.25
C LEU C 128 23.84 17.95 14.17
N THR C 129 24.33 18.97 14.86
CA THR C 129 25.38 18.79 15.87
C THR C 129 24.79 19.06 17.25
N VAL C 130 25.08 18.17 18.18
CA VAL C 130 24.65 18.30 19.56
C VAL C 130 25.90 18.61 20.35
N SER C 131 25.92 19.80 20.96
CA SER C 131 27.10 20.18 21.68
C SER C 131 26.71 21.32 22.61
N SER C 132 27.33 21.33 23.77
CA SER C 132 27.13 22.42 24.70
C SER C 132 28.14 23.55 24.46
N ALA C 133 29.04 23.43 23.47
CA ALA C 133 30.11 24.41 23.31
C ALA C 133 29.58 25.72 22.75
N LYS C 134 30.14 26.83 23.23
CA LYS C 134 29.90 28.06 22.50
C LYS C 134 31.01 28.26 21.46
N THR C 135 30.80 29.25 20.60
CA THR C 135 31.73 29.61 19.55
C THR C 135 33.11 29.81 20.11
N THR C 136 34.08 29.10 19.53
CA THR C 136 35.43 29.12 20.04
C THR C 136 36.39 29.12 18.88
N ALA C 137 37.32 30.08 18.87
CA ALA C 137 38.31 30.16 17.81
C ALA C 137 39.34 29.02 17.94
N PRO C 138 39.88 28.55 16.83
CA PRO C 138 40.84 27.43 16.89
C PRO C 138 42.20 27.84 17.41
N SER C 139 42.86 26.90 18.08
CA SER C 139 44.29 27.00 18.27
C SER C 139 44.93 26.36 17.05
N VAL C 140 45.98 26.99 16.54
CA VAL C 140 46.63 26.55 15.31
C VAL C 140 48.08 26.23 15.63
N TYR C 141 48.48 24.97 15.39
CA TYR C 141 49.76 24.51 15.89
C TYR C 141 50.62 24.01 14.74
N PRO C 142 51.85 24.48 14.63
CA PRO C 142 52.69 24.08 13.51
C PRO C 142 53.27 22.69 13.74
N LEU C 143 53.25 21.88 12.69
CA LEU C 143 53.82 20.53 12.72
C LEU C 143 55.09 20.47 11.86
N ALA C 144 56.23 20.54 12.49
CA ALA C 144 57.48 20.47 11.75
C ALA C 144 58.17 19.18 12.10
N PRO C 145 59.08 18.69 11.25
CA PRO C 145 59.76 17.42 11.52
C PRO C 145 60.58 17.47 12.80
N VAL C 146 60.93 16.29 13.29
CA VAL C 146 61.71 16.19 14.52
C VAL C 146 63.11 16.75 14.30
N CYS C 147 63.72 17.20 15.40
CA CYS C 147 65.19 17.39 15.52
C CYS C 147 65.56 18.34 16.65
N SER C 154 62.06 14.25 0.14
CA SER C 154 60.75 14.78 0.59
C SER C 154 60.68 15.10 2.08
N VAL C 155 60.05 16.24 2.40
CA VAL C 155 59.70 16.61 3.75
C VAL C 155 58.18 16.72 3.79
N THR C 156 57.56 16.15 4.82
CA THR C 156 56.15 16.38 5.08
C THR C 156 56.03 17.34 6.25
N LEU C 157 55.25 18.40 6.08
CA LEU C 157 54.94 19.27 7.20
C LEU C 157 53.45 19.16 7.53
N GLY C 158 53.05 19.80 8.63
CA GLY C 158 51.67 19.69 9.06
C GLY C 158 51.20 20.94 9.77
N CYS C 159 49.87 20.94 9.97
CA CYS C 159 49.18 22.00 10.69
C CYS C 159 48.04 21.33 11.44
N LEU C 160 48.04 21.47 12.77
CA LEU C 160 47.04 20.91 13.66
C LEU C 160 46.11 22.03 14.12
N VAL C 161 44.80 21.88 13.90
CA VAL C 161 43.83 22.93 14.23
C VAL C 161 42.90 22.36 15.28
N LYS C 162 42.98 22.90 16.47
CA LYS C 162 42.42 22.23 17.63
C LYS C 162 41.52 23.15 18.44
N GLY C 163 40.42 22.59 18.92
CA GLY C 163 39.69 23.24 19.98
C GLY C 163 38.72 24.29 19.51
N TYR C 164 38.18 24.16 18.29
CA TYR C 164 37.27 25.16 17.79
C TYR C 164 35.82 24.68 17.76
N PHE C 165 34.92 25.67 17.67
CA PHE C 165 33.50 25.37 17.46
C PHE C 165 32.78 26.62 16.97
N PRO C 166 31.83 26.51 16.04
CA PRO C 166 31.42 25.33 15.28
C PRO C 166 32.30 25.11 14.05
N GLU C 167 31.96 24.08 13.27
CA GLU C 167 32.44 24.00 11.91
C GLU C 167 31.78 25.10 11.07
N PRO C 168 32.42 25.53 9.99
CA PRO C 168 33.69 24.97 9.54
C PRO C 168 34.90 25.87 9.80
N VAL C 169 36.07 25.29 9.61
CA VAL C 169 37.32 26.01 9.42
CA VAL C 169 37.27 26.09 9.39
C VAL C 169 37.79 25.74 8.01
N THR C 170 38.43 26.72 7.38
CA THR C 170 39.07 26.51 6.10
C THR C 170 40.58 26.62 6.28
N LEU C 171 41.31 25.68 5.70
CA LEU C 171 42.75 25.62 5.87
C LEU C 171 43.40 25.60 4.50
N THR C 172 44.38 26.48 4.30
CA THR C 172 45.16 26.49 3.08
C THR C 172 46.61 26.63 3.47
N TRP C 173 47.48 26.47 2.47
CA TRP C 173 48.92 26.63 2.58
C TRP C 173 49.40 27.71 1.62
N ASN C 174 50.23 28.62 2.11
CA ASN C 174 50.65 29.79 1.34
C ASN C 174 49.48 30.41 0.58
N SER C 175 48.39 30.64 1.30
CA SER C 175 47.24 31.34 0.72
C SER C 175 46.63 30.55 -0.43
N GLY C 176 46.71 29.24 -0.41
CA GLY C 176 46.12 28.47 -1.47
C GLY C 176 46.98 28.32 -2.69
N SER C 177 48.15 28.96 -2.73
CA SER C 177 49.13 28.79 -3.81
C SER C 177 49.91 27.50 -3.71
N LEU C 178 49.98 26.88 -2.54
CA LEU C 178 50.60 25.57 -2.36
C LEU C 178 49.45 24.57 -2.21
N SER C 179 49.20 23.79 -3.26
CA SER C 179 48.01 22.96 -3.34
C SER C 179 48.34 21.51 -3.65
N SER C 180 49.40 21.27 -4.42
CA SER C 180 49.83 19.91 -4.65
C SER C 180 50.44 19.34 -3.37
N GLY C 181 50.33 18.03 -3.20
CA GLY C 181 50.97 17.39 -2.05
C GLY C 181 50.32 17.66 -0.71
N VAL C 182 49.06 18.14 -0.71
CA VAL C 182 48.32 18.44 0.51
C VAL C 182 47.25 17.38 0.78
N HIS C 183 47.12 17.00 2.05
CA HIS C 183 45.91 16.31 2.52
C HIS C 183 45.33 17.07 3.71
N THR C 184 44.13 17.61 3.55
CA THR C 184 43.40 18.16 4.68
C THR C 184 42.30 17.19 5.14
N PHE C 185 42.35 16.79 6.42
CA PHE C 185 41.45 15.74 6.88
C PHE C 185 40.17 16.31 7.45
N PRO C 186 39.08 15.56 7.35
CA PRO C 186 37.80 16.04 7.91
C PRO C 186 37.93 16.30 9.40
N ALA C 187 37.27 17.37 9.83
CA ALA C 187 37.20 17.67 11.25
C ALA C 187 36.50 16.57 11.99
N VAL C 188 37.00 16.27 13.18
CA VAL C 188 36.37 15.30 14.07
C VAL C 188 36.03 16.03 15.35
N LEU C 189 34.78 15.86 15.79
CA LEU C 189 34.31 16.42 17.04
C LEU C 189 34.66 15.48 18.18
N GLN C 190 35.40 15.98 19.16
CA GLN C 190 35.68 15.26 20.39
C GLN C 190 35.44 16.15 21.60
N SER C 191 34.64 15.66 22.55
CA SER C 191 34.37 16.36 23.81
C SER C 191 34.06 17.84 23.57
N ASP C 192 33.14 18.07 22.63
CA ASP C 192 32.49 19.33 22.32
C ASP C 192 33.32 20.25 21.43
N LEU C 193 34.59 19.94 21.11
CA LEU C 193 35.31 20.80 20.17
C LEU C 193 35.95 19.98 19.06
N TYR C 194 36.15 20.65 17.93
CA TYR C 194 36.64 20.01 16.73
C TYR C 194 38.17 20.10 16.67
N THR C 195 38.75 19.06 16.07
CA THR C 195 40.13 19.00 15.68
C THR C 195 40.17 18.67 14.19
N LEU C 196 41.06 19.36 13.49
CA LEU C 196 41.32 19.16 12.07
C LEU C 196 42.84 19.22 11.88
N SER C 197 43.32 18.53 10.86
CA SER C 197 44.74 18.53 10.56
C SER C 197 44.93 18.54 9.06
N SER C 198 46.15 18.90 8.63
CA SER C 198 46.49 18.96 7.22
C SER C 198 48.00 18.75 7.11
N SER C 199 48.41 17.92 6.17
CA SER C 199 49.82 17.71 5.83
C SER C 199 50.09 18.32 4.47
N VAL C 200 51.34 18.71 4.27
CA VAL C 200 51.85 19.19 2.99
C VAL C 200 53.21 18.54 2.81
N THR C 201 53.42 17.88 1.68
CA THR C 201 54.66 17.20 1.35
C THR C 201 55.33 17.95 0.21
N VAL C 202 56.62 18.26 0.40
CA VAL C 202 57.43 19.03 -0.55
C VAL C 202 58.75 18.29 -0.77
N THR C 203 59.34 18.49 -1.97
CA THR C 203 60.61 17.88 -2.26
C THR C 203 61.65 18.32 -1.26
N SER C 204 62.62 17.43 -0.98
CA SER C 204 63.47 17.62 0.20
C SER C 204 64.23 18.95 0.15
N SER C 205 64.68 19.36 -1.03
CA SER C 205 65.56 20.53 -1.14
C SER C 205 64.86 21.86 -0.96
N THR C 206 63.56 21.91 -0.67
CA THR C 206 62.83 23.17 -0.74
C THR C 206 62.44 23.73 0.62
N TRP C 207 62.32 22.90 1.64
CA TRP C 207 62.11 23.36 2.99
C TRP C 207 63.31 22.91 3.81
N PRO C 208 63.75 23.71 4.81
CA PRO C 208 63.16 24.95 5.34
C PRO C 208 63.51 26.22 4.59
N SER C 209 64.15 26.10 3.43
CA SER C 209 64.59 27.32 2.75
C SER C 209 63.40 28.13 2.25
N GLN C 210 62.40 27.46 1.67
CA GLN C 210 61.17 28.11 1.24
C GLN C 210 60.26 28.33 2.44
N SER C 211 59.56 29.47 2.45
CA SER C 211 58.64 29.80 3.51
C SER C 211 57.31 29.08 3.31
N ILE C 212 56.88 28.33 4.31
CA ILE C 212 55.62 27.58 4.18
C ILE C 212 54.74 27.99 5.34
N THR C 213 53.50 28.40 5.04
CA THR C 213 52.65 28.76 6.18
C THR C 213 51.23 28.19 6.05
N CYS C 214 50.69 27.81 7.21
CA CYS C 214 49.32 27.32 7.35
C CYS C 214 48.41 28.54 7.58
N ASN C 215 47.38 28.71 6.75
CA ASN C 215 46.39 29.78 6.87
C ASN C 215 45.08 29.15 7.32
N VAL C 216 44.53 29.63 8.41
CA VAL C 216 43.31 29.06 8.97
C VAL C 216 42.28 30.18 9.13
N ALA C 217 41.07 29.94 8.66
CA ALA C 217 39.97 30.88 8.78
C ALA C 217 38.84 30.17 9.50
N HIS C 218 38.23 30.88 10.48
CA HIS C 218 37.12 30.38 11.27
C HIS C 218 36.04 31.46 11.25
N PRO C 219 35.21 31.47 10.21
CA PRO C 219 34.26 32.58 10.03
C PRO C 219 33.38 32.81 11.25
N ALA C 220 32.88 31.73 11.86
CA ALA C 220 32.00 31.88 13.01
C ALA C 220 32.59 32.77 14.09
N SER C 221 33.92 32.76 14.25
CA SER C 221 34.56 33.59 15.26
C SER C 221 35.24 34.82 14.67
N SER C 222 35.06 35.09 13.37
CA SER C 222 35.73 36.23 12.75
C SER C 222 37.25 36.15 12.94
N THR C 223 37.80 34.95 12.73
CA THR C 223 39.22 34.71 12.91
C THR C 223 39.91 34.31 11.61
N LYS C 224 41.11 34.85 11.40
CA LYS C 224 42.09 34.28 10.49
C LYS C 224 43.43 34.22 11.21
N VAL C 225 44.11 33.09 11.07
CA VAL C 225 45.41 32.87 11.71
C VAL C 225 46.38 32.41 10.63
N ASP C 226 47.54 33.05 10.56
CA ASP C 226 48.67 32.53 9.78
C ASP C 226 49.73 32.00 10.73
N LYS C 227 50.18 30.76 10.49
CA LYS C 227 51.24 30.11 11.26
C LYS C 227 52.32 29.68 10.29
N LYS C 228 53.48 30.33 10.35
CA LYS C 228 54.62 29.86 9.55
C LYS C 228 55.23 28.62 10.19
N ILE C 229 55.56 27.61 9.38
CA ILE C 229 56.16 26.39 9.90
C ILE C 229 57.66 26.61 10.01
N GLU C 230 58.23 26.62 11.27
CA GLU C 230 59.66 26.85 11.53
C GLU C 230 60.37 25.57 11.99
N PRO C 231 61.62 25.35 11.56
CA PRO C 231 62.39 24.19 12.02
C PRO C 231 62.49 24.12 13.54
N ARG C 232 62.68 22.90 14.06
CA ARG C 232 62.72 22.70 15.53
C ARG C 232 64.11 22.86 16.22
N ASP D 21 12.56 -6.58 13.29
CA ASP D 21 12.85 -5.81 12.09
C ASP D 21 13.56 -6.66 11.02
N ILE D 22 13.38 -6.31 9.75
CA ILE D 22 14.06 -7.02 8.68
C ILE D 22 15.50 -6.50 8.55
N VAL D 23 16.46 -7.43 8.52
CA VAL D 23 17.87 -7.11 8.37
C VAL D 23 18.27 -7.44 6.93
N LEU D 24 18.99 -6.52 6.28
CA LEU D 24 19.45 -6.75 4.91
C LEU D 24 20.98 -6.82 4.93
N ILE D 25 21.55 -7.93 4.44
CA ILE D 25 23.02 -8.10 4.43
C ILE D 25 23.54 -7.80 3.03
N GLN D 26 24.38 -6.77 2.91
CA GLN D 26 25.02 -6.47 1.65
C GLN D 26 26.44 -6.99 1.63
N SER D 27 26.87 -7.48 0.47
CA SER D 27 28.25 -7.92 0.34
C SER D 27 28.63 -7.79 -1.13
N PRO D 28 29.90 -7.51 -1.43
CA PRO D 28 30.91 -7.36 -0.38
C PRO D 28 30.76 -6.02 0.30
N ALA D 29 31.44 -5.78 1.42
CA ALA D 29 31.40 -4.42 1.97
C ALA D 29 32.05 -3.44 0.99
N THR D 30 33.14 -3.86 0.33
CA THR D 30 33.85 -3.01 -0.62
C THR D 30 34.08 -3.79 -1.93
N LEU D 31 33.70 -3.17 -3.02
CA LEU D 31 33.89 -3.74 -4.35
C LEU D 31 34.89 -2.87 -5.12
N SER D 32 36.04 -3.44 -5.51
CA SER D 32 37.12 -2.67 -6.13
C SER D 32 37.22 -3.06 -7.58
N VAL D 33 37.09 -2.08 -8.48
CA VAL D 33 36.98 -2.42 -9.89
C VAL D 33 37.68 -1.41 -10.76
N THR D 34 37.93 -1.81 -11.97
CA THR D 34 38.51 -0.99 -13.02
C THR D 34 37.38 -0.51 -13.88
N PRO D 35 37.29 0.78 -14.25
CA PRO D 35 36.25 1.20 -15.19
C PRO D 35 36.17 0.29 -16.39
N GLY D 36 34.93 -0.07 -16.75
CA GLY D 36 34.66 -0.97 -17.83
C GLY D 36 34.31 -2.38 -17.41
N ASP D 37 34.75 -2.80 -16.22
CA ASP D 37 34.33 -4.07 -15.64
C ASP D 37 32.81 -4.08 -15.39
N SER D 38 32.25 -5.28 -15.39
CA SER D 38 30.85 -5.50 -14.99
C SER D 38 30.83 -6.13 -13.63
N VAL D 39 29.95 -5.65 -12.75
CA VAL D 39 29.97 -6.10 -11.37
C VAL D 39 28.55 -6.42 -10.94
N SER D 40 28.45 -7.12 -9.81
CA SER D 40 27.16 -7.30 -9.17
C SER D 40 27.30 -7.17 -7.66
N LEU D 41 26.24 -6.64 -7.06
CA LEU D 41 26.20 -6.34 -5.63
C LEU D 41 25.05 -7.14 -5.07
N SER D 42 25.27 -7.80 -3.94
CA SER D 42 24.19 -8.65 -3.45
C SER D 42 23.59 -8.08 -2.17
N CYS D 43 22.36 -8.47 -1.91
CA CYS D 43 21.61 -7.97 -0.78
C CYS D 43 20.66 -9.09 -0.43
N ARG D 44 20.81 -9.64 0.76
CA ARG D 44 20.01 -10.77 1.20
C ARG D 44 19.18 -10.34 2.40
N ALA D 45 17.86 -10.61 2.34
CA ALA D 45 16.95 -10.25 3.42
C ALA D 45 16.86 -11.39 4.42
N SER D 46 16.55 -11.04 5.65
CA SER D 46 16.39 -12.03 6.69
C SER D 46 15.07 -12.79 6.62
N GLN D 47 14.19 -12.43 5.68
CA GLN D 47 12.90 -13.08 5.48
C GLN D 47 12.42 -12.65 4.10
N ARG D 48 11.48 -13.42 3.55
CA ARG D 48 10.90 -13.05 2.27
C ARG D 48 10.25 -11.67 2.34
N ILE D 49 10.43 -10.91 1.27
CA ILE D 49 10.00 -9.51 1.24
C ILE D 49 9.32 -9.26 -0.11
N SER D 50 8.80 -10.33 -0.74
CA SER D 50 8.19 -10.17 -2.04
C SER D 50 9.16 -9.41 -2.95
N ASN D 51 8.66 -8.49 -3.76
CA ASN D 51 9.52 -7.68 -4.60
C ASN D 51 9.80 -6.30 -3.99
N ASN D 52 9.52 -6.10 -2.71
CA ASN D 52 9.59 -4.79 -2.07
C ASN D 52 11.06 -4.49 -1.69
N LEU D 53 11.91 -4.42 -2.71
CA LEU D 53 13.34 -4.16 -2.49
CA LEU D 53 13.35 -4.20 -2.52
C LEU D 53 13.84 -3.15 -3.52
N HIS D 54 14.57 -2.14 -3.06
CA HIS D 54 14.96 -1.01 -3.88
C HIS D 54 16.44 -0.76 -3.70
N TRP D 55 17.03 -0.11 -4.69
CA TRP D 55 18.46 0.17 -4.71
C TRP D 55 18.71 1.66 -4.79
N TYR D 56 19.73 2.12 -4.06
CA TYR D 56 20.13 3.52 -4.05
C TYR D 56 21.65 3.63 -4.22
N GLN D 57 22.04 4.72 -4.86
CA GLN D 57 23.41 5.17 -4.97
C GLN D 57 23.57 6.39 -4.10
N GLN D 58 24.67 6.49 -3.37
CA GLN D 58 24.95 7.71 -2.61
C GLN D 58 26.39 8.10 -2.87
N LYS D 59 26.58 9.16 -3.66
CA LYS D 59 27.93 9.67 -3.87
C LYS D 59 28.33 10.61 -2.74
N SER D 60 29.65 10.84 -2.64
CA SER D 60 30.20 11.63 -1.55
C SER D 60 29.47 12.95 -1.43
N HIS D 61 29.06 13.27 -0.20
CA HIS D 61 28.46 14.55 0.12
C HIS D 61 27.16 14.79 -0.64
N GLU D 62 26.44 13.72 -1.04
CA GLU D 62 25.11 13.88 -1.61
C GLU D 62 24.09 13.01 -0.90
N SER D 63 22.82 13.26 -1.18
CA SER D 63 21.76 12.44 -0.62
C SER D 63 21.62 11.19 -1.47
N PRO D 64 20.91 10.18 -0.97
CA PRO D 64 20.70 8.97 -1.78
C PRO D 64 19.94 9.30 -3.07
N ARG D 65 20.15 8.46 -4.09
CA ARG D 65 19.42 8.56 -5.35
C ARG D 65 18.80 7.20 -5.61
N LEU D 66 17.50 7.17 -5.84
CA LEU D 66 16.84 5.90 -6.15
C LEU D 66 17.26 5.42 -7.53
N LEU D 67 17.73 4.17 -7.62
CA LEU D 67 18.31 3.61 -8.84
C LEU D 67 17.41 2.59 -9.51
N ILE D 68 16.84 1.70 -8.71
CA ILE D 68 15.98 0.61 -9.14
C ILE D 68 14.93 0.51 -8.05
N ARG D 69 13.66 0.33 -8.43
CA ARG D 69 12.64 0.10 -7.42
C ARG D 69 11.94 -1.22 -7.70
N TYR D 70 11.48 -1.87 -6.63
CA TYR D 70 10.61 -3.04 -6.72
C TYR D 70 11.34 -4.14 -7.49
N THR D 71 12.59 -4.36 -7.07
CA THR D 71 13.49 -5.44 -7.48
C THR D 71 14.17 -5.18 -8.81
N SER D 72 13.37 -4.83 -9.81
CA SER D 72 13.82 -4.81 -11.19
C SER D 72 13.27 -3.66 -12.01
N GLN D 73 12.44 -2.78 -11.46
CA GLN D 73 11.84 -1.71 -12.24
C GLN D 73 12.85 -0.59 -12.43
N SER D 74 13.15 -0.27 -13.68
CA SER D 74 14.06 0.82 -13.95
C SER D 74 13.39 2.15 -13.62
N ILE D 75 14.23 3.14 -13.39
CA ILE D 75 13.86 4.47 -12.94
C ILE D 75 14.23 5.45 -14.04
N SER D 76 13.31 6.35 -14.38
CA SER D 76 13.57 7.26 -15.48
C SER D 76 14.81 8.11 -15.19
N GLY D 77 15.70 8.18 -16.17
CA GLY D 77 16.92 8.96 -16.04
C GLY D 77 18.13 8.18 -15.60
N ILE D 78 17.95 7.01 -15.01
CA ILE D 78 19.10 6.23 -14.54
C ILE D 78 19.71 5.49 -15.72
N PRO D 79 21.02 5.58 -15.91
CA PRO D 79 21.64 4.87 -17.04
C PRO D 79 21.18 3.42 -17.15
N SER D 80 21.10 2.93 -18.38
CA SER D 80 20.61 1.58 -18.60
C SER D 80 21.55 0.52 -18.03
N ARG D 81 22.81 0.89 -17.76
CA ARG D 81 23.78 -0.12 -17.32
C ARG D 81 23.47 -0.67 -15.93
N PHE D 82 22.65 0.00 -15.13
CA PHE D 82 22.16 -0.55 -13.86
C PHE D 82 20.91 -1.40 -14.12
N SER D 83 20.84 -2.57 -13.50
CA SER D 83 19.59 -3.35 -13.50
C SER D 83 19.52 -4.11 -12.19
N GLY D 84 18.33 -4.58 -11.84
CA GLY D 84 18.15 -5.32 -10.61
C GLY D 84 17.39 -6.60 -10.85
N SER D 85 17.71 -7.61 -10.04
CA SER D 85 17.01 -8.89 -10.07
C SER D 85 16.92 -9.41 -8.65
N GLY D 86 16.21 -10.50 -8.47
CA GLY D 86 16.11 -11.02 -7.13
C GLY D 86 14.94 -11.94 -7.02
N SER D 87 15.05 -12.86 -6.06
CA SER D 87 14.14 -14.00 -5.99
C SER D 87 14.15 -14.49 -4.55
N GLY D 88 13.02 -14.32 -3.88
CA GLY D 88 12.95 -14.73 -2.49
C GLY D 88 13.63 -13.77 -1.54
N THR D 89 14.76 -14.18 -1.01
CA THR D 89 15.50 -13.38 -0.06
C THR D 89 16.82 -12.86 -0.64
N ASP D 90 17.10 -13.18 -1.90
CA ASP D 90 18.37 -12.91 -2.57
C ASP D 90 18.14 -11.91 -3.70
N PHE D 91 18.81 -10.76 -3.62
CA PHE D 91 18.65 -9.72 -4.64
C PHE D 91 20.01 -9.25 -5.13
N THR D 92 20.05 -8.75 -6.36
CA THR D 92 21.32 -8.38 -6.97
C THR D 92 21.17 -7.10 -7.77
N LEU D 93 22.10 -6.13 -7.55
CA LEU D 93 22.24 -4.97 -8.39
C LEU D 93 23.39 -5.22 -9.37
N SER D 94 23.12 -5.09 -10.66
CA SER D 94 24.15 -5.34 -11.66
C SER D 94 24.52 -4.03 -12.33
N ILE D 95 25.82 -3.82 -12.56
CA ILE D 95 26.27 -2.64 -13.26
C ILE D 95 27.12 -3.12 -14.42
N ASN D 96 26.63 -2.93 -15.64
CA ASN D 96 27.19 -3.65 -16.78
C ASN D 96 28.65 -3.24 -17.05
N SER D 97 28.92 -1.99 -17.35
CA SER D 97 30.33 -1.62 -17.53
C SER D 97 30.51 -0.36 -16.69
N VAL D 98 31.15 -0.53 -15.54
CA VAL D 98 31.23 0.55 -14.57
C VAL D 98 31.91 1.77 -15.18
N GLU D 99 31.37 2.95 -14.89
CA GLU D 99 31.92 4.25 -15.29
C GLU D 99 32.44 4.98 -14.05
N THR D 100 33.38 5.93 -14.25
CA THR D 100 34.01 6.53 -13.09
C THR D 100 32.98 7.22 -12.21
N GLU D 101 31.89 7.68 -12.79
CA GLU D 101 30.86 8.39 -12.04
C GLU D 101 29.95 7.44 -11.27
N ASP D 102 30.22 6.13 -11.31
CA ASP D 102 29.50 5.16 -10.49
C ASP D 102 30.17 4.93 -9.13
N PHE D 103 31.41 5.40 -8.93
CA PHE D 103 32.08 5.12 -7.66
C PHE D 103 31.35 5.82 -6.52
N GLY D 104 31.12 5.10 -5.42
CA GLY D 104 30.38 5.65 -4.27
C GLY D 104 29.65 4.52 -3.56
N MET D 105 28.66 4.89 -2.74
CA MET D 105 27.93 3.89 -1.95
C MET D 105 26.66 3.38 -2.63
N TYR D 106 26.33 2.13 -2.36
CA TYR D 106 25.12 1.48 -2.86
C TYR D 106 24.42 0.83 -1.69
N PHE D 107 23.14 1.15 -1.52
CA PHE D 107 22.33 0.65 -0.41
C PHE D 107 21.10 -0.05 -0.97
N CYS D 108 20.80 -1.25 -0.45
CA CYS D 108 19.45 -1.77 -0.70
C CYS D 108 18.52 -1.39 0.46
N GLN D 109 17.21 -1.44 0.21
CA GLN D 109 16.22 -1.03 1.20
C GLN D 109 14.98 -1.90 1.02
N GLN D 110 14.42 -2.40 2.11
CA GLN D 110 13.15 -3.16 2.02
C GLN D 110 11.97 -2.31 2.50
N SER D 111 10.88 -2.36 1.73
CA SER D 111 9.64 -1.72 2.13
C SER D 111 8.52 -2.74 2.30
N ASN D 112 8.89 -4.00 2.62
CA ASN D 112 7.89 -5.05 2.90
C ASN D 112 7.18 -4.83 4.24
N SER D 113 7.94 -4.54 5.29
CA SER D 113 7.43 -4.44 6.65
C SER D 113 7.98 -3.17 7.30
N TRP D 114 7.11 -2.45 7.98
CA TRP D 114 7.54 -1.29 8.72
C TRP D 114 8.19 -1.78 10.00
N PRO D 115 9.30 -1.17 10.44
CA PRO D 115 10.01 -0.03 9.86
C PRO D 115 10.82 -0.44 8.65
N PHE D 116 10.77 0.40 7.61
CA PHE D 116 11.60 0.13 6.45
C PHE D 116 13.05 0.15 6.88
N THR D 117 13.87 -0.70 6.24
CA THR D 117 15.26 -0.83 6.65
C THR D 117 16.18 -0.88 5.44
N PHE D 118 17.42 -0.45 5.64
CA PHE D 118 18.47 -0.40 4.63
C PHE D 118 19.55 -1.42 4.95
N GLY D 119 20.19 -1.94 3.93
CA GLY D 119 21.38 -2.73 4.14
C GLY D 119 22.56 -1.82 4.53
N SER D 120 23.65 -2.43 4.97
CA SER D 120 24.78 -1.63 5.44
C SER D 120 25.61 -1.05 4.31
N GLY D 121 25.31 -1.38 3.07
CA GLY D 121 25.96 -0.68 1.97
C GLY D 121 27.16 -1.38 1.39
N THR D 122 27.33 -1.27 0.07
CA THR D 122 28.55 -1.66 -0.63
C THR D 122 29.24 -0.42 -1.17
N LYS D 123 30.51 -0.26 -0.86
CA LYS D 123 31.30 0.82 -1.46
C LYS D 123 31.91 0.36 -2.77
N LEU D 124 31.50 0.97 -3.88
CA LEU D 124 32.15 0.74 -5.17
C LEU D 124 33.32 1.73 -5.33
N GLU D 125 34.56 1.24 -5.30
CA GLU D 125 35.76 2.09 -5.41
C GLU D 125 36.63 1.68 -6.58
N MET D 126 37.57 2.58 -6.92
CA MET D 126 38.52 2.33 -8.00
C MET D 126 39.60 1.37 -7.52
N LYS D 127 39.88 0.33 -8.29
CA LYS D 127 41.01 -0.54 -7.98
C LYS D 127 42.29 0.08 -8.51
N ARG D 128 43.32 0.07 -7.70
CA ARG D 128 44.64 0.47 -8.15
C ARG D 128 45.63 -0.50 -7.50
N ALA D 129 46.90 -0.33 -7.81
CA ALA D 129 47.92 -1.21 -7.23
C ALA D 129 48.12 -0.88 -5.76
N ASP D 130 48.50 -1.89 -4.98
CA ASP D 130 48.71 -1.63 -3.57
C ASP D 130 49.79 -0.56 -3.40
N ALA D 131 49.66 0.26 -2.36
CA ALA D 131 50.68 1.27 -2.10
C ALA D 131 50.86 1.37 -0.60
N ALA D 132 52.09 1.29 -0.12
CA ALA D 132 52.39 1.46 1.28
C ALA D 132 52.16 2.93 1.72
N PRO D 133 51.72 3.16 2.95
CA PRO D 133 51.58 4.55 3.43
C PRO D 133 52.93 5.19 3.64
N THR D 134 53.00 6.50 3.34
CA THR D 134 54.13 7.34 3.70
C THR D 134 53.80 7.89 5.09
N VAL D 135 54.58 7.49 6.07
CA VAL D 135 54.27 7.76 7.47
C VAL D 135 55.22 8.85 7.99
N SER D 136 54.66 9.85 8.67
CA SER D 136 55.43 10.94 9.26
C SER D 136 54.93 11.20 10.67
N ILE D 137 55.83 11.35 11.62
CA ILE D 137 55.43 11.61 13.00
C ILE D 137 55.89 13.01 13.41
N PHE D 138 55.06 13.70 14.21
CA PHE D 138 55.32 15.08 14.64
C PHE D 138 55.14 15.25 16.15
N PRO D 139 56.12 15.83 16.84
CA PRO D 139 55.99 16.05 18.25
C PRO D 139 55.06 17.22 18.51
N PRO D 140 54.59 17.37 19.74
CA PRO D 140 53.83 18.55 20.11
C PRO D 140 54.61 19.82 19.76
N SER D 141 53.91 20.85 19.24
CA SER D 141 54.52 22.17 19.07
C SER D 141 54.83 22.82 20.40
N SER D 142 55.83 23.73 20.40
CA SER D 142 56.08 24.61 21.54
C SER D 142 54.81 25.36 21.92
N GLU D 143 54.09 25.86 20.91
CA GLU D 143 52.92 26.67 21.19
C GLU D 143 51.87 25.88 21.98
N GLN D 144 51.56 24.65 21.54
CA GLN D 144 50.54 23.87 22.26
C GLN D 144 50.98 23.58 23.70
N LEU D 145 52.27 23.29 23.90
CA LEU D 145 52.73 23.06 25.26
C LEU D 145 52.52 24.27 26.19
N THR D 146 52.43 25.50 25.66
CA THR D 146 52.21 26.65 26.56
C THR D 146 50.79 26.65 27.11
N SER D 147 49.86 25.95 26.46
CA SER D 147 48.50 25.74 26.95
C SER D 147 48.34 24.51 27.86
N GLY D 148 49.37 23.69 28.05
CA GLY D 148 49.19 22.60 28.99
C GLY D 148 48.78 21.27 28.38
N GLY D 149 48.53 21.21 27.07
CA GLY D 149 48.32 19.97 26.36
C GLY D 149 49.47 19.63 25.43
N ALA D 150 49.46 18.39 24.92
CA ALA D 150 50.49 17.89 24.02
C ALA D 150 49.89 16.81 23.12
N SER D 151 49.85 17.06 21.81
CA SER D 151 49.36 16.13 20.81
C SER D 151 50.53 15.70 19.97
N VAL D 152 50.64 14.40 19.74
CA VAL D 152 51.57 13.82 18.78
C VAL D 152 50.75 13.43 17.55
N VAL D 153 51.24 13.78 16.38
CA VAL D 153 50.46 13.57 15.17
C VAL D 153 51.23 12.60 14.28
N CYS D 154 50.48 11.73 13.61
CA CYS D 154 51.06 10.82 12.64
CA CYS D 154 51.04 10.80 12.64
C CYS D 154 50.21 10.86 11.37
N PHE D 155 50.83 11.22 10.25
CA PHE D 155 50.14 11.19 8.97
C PHE D 155 50.51 9.89 8.27
N LEU D 156 49.53 9.21 7.70
CA LEU D 156 49.78 7.98 6.95
C LEU D 156 49.17 8.22 5.58
N ASN D 157 49.99 8.52 4.59
CA ASN D 157 49.48 9.14 3.38
C ASN D 157 49.64 8.26 2.15
N ASN D 158 48.69 8.41 1.24
CA ASN D 158 48.72 7.84 -0.10
C ASN D 158 48.96 6.32 -0.07
N PHE D 159 48.08 5.62 0.64
CA PHE D 159 48.17 4.16 0.68
C PHE D 159 46.96 3.53 0.02
N TYR D 160 47.08 2.24 -0.33
CA TYR D 160 45.98 1.49 -0.89
C TYR D 160 46.27 0.00 -0.70
N PRO D 161 45.25 -0.83 -0.33
CA PRO D 161 43.87 -0.40 -0.13
C PRO D 161 43.62 0.34 1.19
N LYS D 162 42.34 0.64 1.47
CA LYS D 162 42.02 1.56 2.55
C LYS D 162 42.21 0.94 3.93
N ASP D 163 42.16 -0.39 4.05
CA ASP D 163 42.24 -1.01 5.39
C ASP D 163 43.61 -0.72 6.02
N ILE D 164 43.60 -0.11 7.19
CA ILE D 164 44.86 0.16 7.86
C ILE D 164 44.61 0.19 9.37
N ASN D 165 45.65 -0.16 10.11
CA ASN D 165 45.61 -0.18 11.56
C ASN D 165 46.76 0.66 12.08
N VAL D 166 46.47 1.59 13.00
CA VAL D 166 47.48 2.47 13.57
C VAL D 166 47.60 2.19 15.05
N LYS D 167 48.83 1.96 15.50
CA LYS D 167 49.13 1.66 16.88
C LYS D 167 50.08 2.71 17.47
N TRP D 168 49.68 3.35 18.58
CA TRP D 168 50.53 4.28 19.31
C TRP D 168 51.20 3.61 20.51
N LYS D 169 52.44 4.04 20.78
CA LYS D 169 53.25 3.51 21.88
C LYS D 169 53.99 4.62 22.59
N ILE D 170 54.02 4.57 23.92
CA ILE D 170 54.81 5.47 24.73
C ILE D 170 55.81 4.64 25.49
N ASP D 171 57.08 4.99 25.36
CA ASP D 171 58.18 4.20 25.92
C ASP D 171 58.04 2.71 25.59
N GLY D 172 57.67 2.39 24.34
CA GLY D 172 57.49 1.01 23.94
C GLY D 172 56.19 0.35 24.36
N SER D 173 55.32 1.02 25.10
CA SER D 173 54.07 0.40 25.53
C SER D 173 52.89 0.96 24.77
N GLU D 174 51.86 0.15 24.58
CA GLU D 174 50.74 0.58 23.76
C GLU D 174 49.84 1.54 24.53
N ARG D 175 49.22 2.47 23.80
CA ARG D 175 48.37 3.49 24.41
C ARG D 175 47.14 3.66 23.52
N GLN D 176 45.95 3.28 24.02
CA GLN D 176 44.75 3.35 23.20
C GLN D 176 43.90 4.57 23.50
N ASN D 177 44.14 5.20 24.63
CA ASN D 177 43.37 6.36 25.06
C ASN D 177 44.01 7.64 24.57
N GLY D 178 43.16 8.62 24.25
CA GLY D 178 43.58 9.92 23.77
C GLY D 178 43.79 10.03 22.27
N VAL D 179 43.37 9.02 21.47
CA VAL D 179 43.63 8.98 20.02
C VAL D 179 42.40 9.44 19.26
N LEU D 180 42.62 10.29 18.23
CA LEU D 180 41.60 10.76 17.30
C LEU D 180 42.09 10.52 15.88
N ASN D 181 41.34 9.75 15.09
CA ASN D 181 41.73 9.45 13.72
C ASN D 181 40.77 10.13 12.75
N SER D 182 41.30 10.51 11.60
CA SER D 182 40.45 10.98 10.52
C SER D 182 41.02 10.43 9.23
N TRP D 183 40.18 10.27 8.21
CA TRP D 183 40.53 9.64 6.95
C TRP D 183 39.99 10.46 5.80
N THR D 184 40.77 10.59 4.73
CA THR D 184 40.26 11.19 3.51
C THR D 184 39.44 10.17 2.73
N ASP D 185 38.61 10.69 1.82
CA ASP D 185 38.00 9.83 0.81
C ASP D 185 39.05 9.40 -0.21
N GLN D 186 38.66 8.46 -1.07
CA GLN D 186 39.57 8.01 -2.11
C GLN D 186 39.93 9.15 -3.04
N ASP D 187 41.23 9.34 -3.26
CA ASP D 187 41.69 10.48 -4.03
C ASP D 187 41.22 10.36 -5.48
N SER D 188 40.62 11.41 -6.03
CA SER D 188 40.04 11.18 -7.35
C SER D 188 41.10 11.02 -8.44
N LYS D 189 42.30 11.55 -8.22
CA LYS D 189 43.37 11.42 -9.21
C LYS D 189 44.21 10.14 -9.05
N ASP D 190 44.70 9.81 -7.86
CA ASP D 190 45.55 8.63 -7.79
C ASP D 190 44.92 7.46 -7.04
N SER D 191 43.68 7.58 -6.58
CA SER D 191 42.86 6.51 -6.01
C SER D 191 43.42 5.98 -4.71
N THR D 192 44.39 6.68 -4.12
CA THR D 192 44.87 6.29 -2.80
C THR D 192 43.97 6.88 -1.70
N TYR D 193 44.29 6.50 -0.47
CA TYR D 193 43.69 6.94 0.77
C TYR D 193 44.77 7.52 1.65
N SER D 194 44.37 8.43 2.55
CA SER D 194 45.27 9.00 3.54
C SER D 194 44.55 9.04 4.88
N MET D 195 45.35 8.98 5.94
CA MET D 195 44.83 8.94 7.30
C MET D 195 45.66 9.86 8.18
N SER D 196 44.99 10.45 9.18
CA SER D 196 45.64 11.26 10.20
C SER D 196 45.31 10.68 11.56
N SER D 197 46.30 10.51 12.42
CA SER D 197 46.07 10.02 13.78
C SER D 197 46.75 10.97 14.73
N THR D 198 46.03 11.46 15.74
CA THR D 198 46.53 12.42 16.73
C THR D 198 46.35 11.83 18.12
N LEU D 199 47.47 11.57 18.81
CA LEU D 199 47.47 11.17 20.21
C LEU D 199 47.65 12.41 21.10
N THR D 200 46.67 12.69 21.94
CA THR D 200 46.69 13.91 22.76
C THR D 200 46.87 13.57 24.24
N LEU D 201 47.88 14.15 24.86
CA LEU D 201 48.15 13.94 26.28
C LEU D 201 48.15 15.28 26.99
N THR D 202 48.21 15.21 28.32
CA THR D 202 48.57 16.38 29.12
C THR D 202 50.06 16.67 28.96
N LYS D 203 50.44 17.95 29.10
CA LYS D 203 51.87 18.29 29.01
C LYS D 203 52.66 17.55 30.08
N ASP D 204 52.07 17.39 31.26
CA ASP D 204 52.80 16.69 32.31
C ASP D 204 52.92 15.20 32.01
N GLU D 205 51.93 14.62 31.33
CA GLU D 205 52.08 13.23 30.92
C GLU D 205 53.13 13.11 29.83
N TYR D 206 53.01 13.92 28.77
CA TYR D 206 54.01 13.97 27.72
C TYR D 206 55.43 14.03 28.28
N GLU D 207 55.68 14.91 29.23
CA GLU D 207 57.04 15.09 29.70
C GLU D 207 57.48 14.04 30.71
N ARG D 208 56.62 13.09 31.05
CA ARG D 208 57.02 11.96 31.88
C ARG D 208 57.55 10.78 31.09
N HIS D 209 57.61 10.87 29.76
CA HIS D 209 58.03 9.76 28.92
C HIS D 209 59.01 10.25 27.88
N ASN D 210 59.72 9.31 27.24
CA ASN D 210 60.78 9.64 26.29
C ASN D 210 60.42 9.33 24.84
N SER D 211 59.98 8.12 24.54
CA SER D 211 59.80 7.75 23.15
C SER D 211 58.32 7.74 22.80
N TYR D 212 58.01 8.24 21.61
CA TYR D 212 56.67 8.24 21.06
C TYR D 212 56.75 7.58 19.70
N THR D 213 55.86 6.60 19.48
CA THR D 213 55.91 5.77 18.31
C THR D 213 54.54 5.62 17.66
N CYS D 214 54.54 5.79 16.35
CA CYS D 214 53.41 5.56 15.48
C CYS D 214 53.70 4.29 14.66
N GLU D 215 52.84 3.26 14.76
CA GLU D 215 53.04 2.00 14.04
C GLU D 215 51.89 1.67 13.11
N ALA D 216 52.19 1.47 11.83
CA ALA D 216 51.18 1.28 10.80
C ALA D 216 51.21 -0.16 10.29
N THR D 217 50.07 -0.86 10.43
CA THR D 217 49.87 -2.21 9.88
C THR D 217 49.04 -2.10 8.60
N HIS D 218 49.62 -2.50 7.47
CA HIS D 218 48.96 -2.41 6.17
C HIS D 218 49.24 -3.68 5.38
N LYS D 219 48.32 -4.04 4.48
CA LYS D 219 48.57 -5.30 3.79
C LYS D 219 49.88 -5.28 2.99
N THR D 220 50.49 -4.10 2.74
CA THR D 220 51.68 -4.12 1.89
C THR D 220 52.94 -4.54 2.63
N SER D 221 52.87 -4.83 3.93
CA SER D 221 54.04 -5.23 4.70
C SER D 221 53.61 -6.19 5.81
N THR D 222 54.37 -7.27 5.97
CA THR D 222 54.16 -8.17 7.10
C THR D 222 54.56 -7.53 8.42
N SER D 223 55.52 -6.59 8.40
CA SER D 223 55.93 -5.92 9.61
C SER D 223 55.58 -4.42 9.56
N PRO D 224 55.09 -3.84 10.66
CA PRO D 224 54.59 -2.45 10.65
C PRO D 224 55.59 -1.44 10.07
N ILE D 225 55.05 -0.35 9.50
CA ILE D 225 55.88 0.85 9.34
C ILE D 225 55.86 1.59 10.67
N VAL D 226 57.05 1.94 11.15
CA VAL D 226 57.21 2.52 12.49
C VAL D 226 57.96 3.82 12.36
N LYS D 227 57.33 4.92 12.78
CA LYS D 227 58.01 6.19 12.90
C LYS D 227 58.04 6.56 14.39
N SER D 228 59.18 7.07 14.86
CA SER D 228 59.35 7.32 16.28
C SER D 228 60.23 8.53 16.46
N PHE D 229 60.14 9.09 17.67
CA PHE D 229 61.07 10.11 18.11
C PHE D 229 61.19 9.99 19.63
N ASN D 230 62.26 10.58 20.16
CA ASN D 230 62.50 10.68 21.61
C ASN D 230 62.41 12.13 22.04
N ARG D 231 61.82 12.36 23.21
CA ARG D 231 61.60 13.74 23.66
C ARG D 231 62.85 14.29 24.31
N LYS E 1 4.57 -6.00 -3.62
CA LYS E 1 4.16 -4.59 -3.65
C LYS E 1 2.72 -4.51 -3.12
N PRO E 2 2.46 -3.56 -2.21
CA PRO E 2 1.12 -3.50 -1.61
C PRO E 2 0.07 -3.24 -2.66
N ILE E 3 -1.06 -3.92 -2.50
CA ILE E 3 -2.19 -3.65 -3.37
C ILE E 3 -2.64 -2.21 -3.18
N ILE E 4 -3.01 -1.56 -4.28
CA ILE E 4 -3.57 -0.22 -4.27
C ILE E 4 -4.88 -0.33 -5.02
N ILE E 5 -5.98 0.03 -4.35
CA ILE E 5 -7.29 -0.15 -4.95
C ILE E 5 -7.37 0.67 -6.23
N GLY E 6 -7.74 0.00 -7.31
CA GLY E 6 -7.90 0.64 -8.58
C GLY E 6 -6.62 0.88 -9.34
N SER E 7 -5.47 0.49 -8.79
CA SER E 7 -4.22 0.76 -9.54
C SER E 7 -4.06 -0.12 -10.77
N HIS E 8 -4.88 -1.18 -10.94
CA HIS E 8 -4.70 -2.00 -12.14
C HIS E 8 -5.25 -1.27 -13.36
N ALA E 9 -6.46 -0.72 -13.21
CA ALA E 9 -7.07 0.07 -14.29
C ALA E 9 -6.59 1.51 -14.29
N TYR E 10 -6.18 2.04 -13.14
CA TYR E 10 -6.06 3.50 -12.99
C TYR E 10 -4.71 3.95 -12.42
N GLY E 11 -3.77 3.04 -12.22
CA GLY E 11 -2.42 3.40 -11.80
C GLY E 11 -2.30 3.61 -10.29
N ASP E 12 -1.05 3.59 -9.84
CA ASP E 12 -0.73 3.75 -8.40
C ASP E 12 -1.31 5.05 -7.83
N LYS F 1 -3.34 5.91 2.25
CA LYS F 1 -2.96 5.15 1.06
C LYS F 1 -1.54 4.64 1.23
N PRO F 2 -1.31 3.36 0.99
CA PRO F 2 0.03 2.81 1.23
C PRO F 2 1.07 3.58 0.43
N ILE F 3 2.23 3.82 1.04
CA ILE F 3 3.32 4.45 0.31
C ILE F 3 3.88 3.46 -0.72
N ILE F 4 4.07 3.93 -1.95
CA ILE F 4 4.74 3.18 -3.01
C ILE F 4 6.08 3.89 -3.30
N ILE F 5 7.21 3.19 -3.11
CA ILE F 5 8.52 3.82 -3.28
C ILE F 5 8.66 4.26 -4.74
N GLY F 6 9.16 5.48 -4.95
CA GLY F 6 9.31 6.00 -6.29
C GLY F 6 8.04 6.48 -6.94
N SER F 7 6.87 6.46 -6.25
CA SER F 7 5.63 6.78 -6.92
C SER F 7 5.40 8.28 -7.05
N HIS F 8 6.13 9.08 -6.28
CA HIS F 8 6.07 10.53 -6.45
C HIS F 8 6.67 10.95 -7.78
N ALA F 9 7.89 10.52 -8.07
CA ALA F 9 8.55 10.94 -9.30
C ALA F 9 8.11 10.13 -10.52
N TYR F 10 7.62 8.92 -10.33
CA TYR F 10 7.50 8.02 -11.46
C TYR F 10 6.16 7.32 -11.46
#